data_4KIO
#
_entry.id   4KIO
#
_cell.length_a   69.309
_cell.length_b   69.279
_cell.length_c   141.852
_cell.angle_alpha   90.00
_cell.angle_beta   100.87
_cell.angle_gamma   90.00
#
_symmetry.space_group_name_H-M   'P 1 21 1'
#
loop_
_entity.id
_entity.type
_entity.pdbx_description
1 polymer 'Tyrosine-protein kinase ITK/TSK'
2 non-polymer 1-[(3S)-3-{[4-(morpholin-4-ylmethyl)-6-([1,3]thiazolo[5,4-b]pyridin-2-ylamino)pyrimidin-2-yl]amino}pyrrolidin-1-yl]prop-2-en-1-one
3 non-polymer 1-[(3S)-3-{[4-(morpholin-4-ylmethyl)-6-([1,3]thiazolo[5,4-b]pyridin-2-ylamino)pyrimidin-2-yl]amino}pyrrolidin-1-yl]propan-1-one
4 non-polymer 'SULFATE ION'
5 non-polymer GLYCEROL
6 water water
#
_entity_poly.entity_id   1
_entity_poly.type   'polypeptide(L)'
_entity_poly.pdbx_seq_one_letter_code
;GSVIDPSELTFVQEIGSGQFGLVHLGYWLNKDKVAIKTIREGAMSEEDFIEEAEVMMKLSHPKLVQLYGVCLEQAPICLV
FEFMEHGCLSDYLRTQRGLFAAETLLGMCLDVCEGMAYLEEACVIHRDLAARNCLVGENQVIKVSDFGMTRFVLDDQETS
STGTKFPVKWASPEVFSFSRYSSKSDVWSFGVLMWEVFSEGKIPYENRSNSEVVEDISTGFRLYKPRLASTHVYQIMNHC
WKERPEDRPAFSRLLRQLAEIAESGL
;
_entity_poly.pdbx_strand_id   A,B,C,D
#
# COMPACT_ATOMS: atom_id res chain seq x y z
N GLY A 1 -32.58 31.91 -31.08
CA GLY A 1 -32.84 31.65 -29.64
C GLY A 1 -33.55 32.78 -28.93
N SER A 2 -34.24 32.44 -27.85
CA SER A 2 -34.96 33.45 -27.10
C SER A 2 -33.95 34.28 -26.29
N VAL A 3 -34.19 35.58 -26.22
CA VAL A 3 -33.43 36.51 -25.37
C VAL A 3 -34.17 36.47 -24.04
N ILE A 4 -33.47 36.55 -22.91
CA ILE A 4 -34.11 36.45 -21.61
C ILE A 4 -33.81 37.69 -20.75
N ASP A 5 -34.82 38.29 -20.16
CA ASP A 5 -34.62 39.42 -19.27
C ASP A 5 -34.19 38.91 -17.90
N PRO A 6 -33.14 39.52 -17.30
CA PRO A 6 -32.65 39.10 -15.98
C PRO A 6 -33.71 39.09 -14.86
N SER A 7 -34.76 39.92 -14.96
CA SER A 7 -35.87 39.88 -13.98
C SER A 7 -36.62 38.54 -13.99
N GLU A 8 -36.46 37.75 -15.05
CA GLU A 8 -37.10 36.46 -15.17
C GLU A 8 -36.32 35.35 -14.50
N LEU A 9 -35.14 35.67 -13.98
CA LEU A 9 -34.28 34.67 -13.39
C LEU A 9 -34.20 34.83 -11.89
N THR A 10 -34.22 33.71 -11.20
CA THR A 10 -34.03 33.65 -9.78
C THR A 10 -32.77 32.82 -9.55
N PHE A 11 -31.81 33.41 -8.86
CA PHE A 11 -30.54 32.77 -8.53
C PHE A 11 -30.70 32.13 -7.17
N VAL A 12 -30.62 30.81 -7.10
CA VAL A 12 -30.89 30.09 -5.87
C VAL A 12 -29.62 29.69 -5.16
N GLN A 13 -28.68 29.13 -5.92
CA GLN A 13 -27.44 28.64 -5.34
C GLN A 13 -26.24 28.65 -6.33
N GLU A 14 -25.15 29.23 -5.89
CA GLU A 14 -23.92 29.15 -6.67
C GLU A 14 -23.44 27.70 -6.63
N ILE A 15 -23.13 27.13 -7.79
CA ILE A 15 -22.62 25.77 -7.86
C ILE A 15 -21.22 25.66 -8.47
N GLY A 16 -20.72 26.71 -9.13
CA GLY A 16 -19.41 26.68 -9.79
C GLY A 16 -18.82 28.06 -10.05
N SER A 17 -17.49 28.10 -10.26
CA SER A 17 -16.74 29.37 -10.47
C SER A 17 -15.40 29.16 -11.19
N GLY A 18 -14.60 30.24 -11.33
CA GLY A 18 -13.25 30.19 -11.93
C GLY A 18 -13.14 29.58 -13.33
N LEU A 22 -18.62 31.23 -13.36
CA LEU A 22 -19.66 31.57 -12.40
C LEU A 22 -20.93 30.87 -12.89
N VAL A 23 -21.31 29.78 -12.21
CA VAL A 23 -22.52 29.03 -12.53
C VAL A 23 -23.46 28.96 -11.31
N HIS A 24 -24.73 29.26 -11.53
CA HIS A 24 -25.76 29.16 -10.52
C HIS A 24 -26.87 28.21 -10.90
N LEU A 25 -27.37 27.47 -9.93
CA LEU A 25 -28.66 26.85 -10.09
C LEU A 25 -29.63 27.98 -9.85
N GLY A 26 -30.65 28.01 -10.69
CA GLY A 26 -31.71 29.03 -10.60
C GLY A 26 -33.00 28.57 -11.27
N TYR A 27 -33.98 29.47 -11.38
CA TYR A 27 -35.24 29.19 -12.07
C TYR A 27 -35.49 30.24 -13.13
N TRP A 28 -36.08 29.82 -14.24
CA TRP A 28 -36.55 30.75 -15.24
C TRP A 28 -38.06 30.77 -15.12
N LEU A 29 -38.61 31.98 -14.99
CA LEU A 29 -40.05 32.20 -14.87
C LEU A 29 -40.66 31.49 -13.67
N ASN A 30 -39.88 31.36 -12.60
CA ASN A 30 -40.26 30.63 -11.38
C ASN A 30 -40.82 29.26 -11.69
N LYS A 31 -40.36 28.71 -12.82
CA LYS A 31 -40.83 27.47 -13.31
C LYS A 31 -39.70 26.46 -13.58
N ASP A 32 -38.90 26.68 -14.63
CA ASP A 32 -37.85 25.75 -15.02
C ASP A 32 -36.53 25.91 -14.25
N LYS A 33 -35.97 24.78 -13.80
CA LYS A 33 -34.65 24.80 -13.19
C LYS A 33 -33.69 25.05 -14.30
N VAL A 34 -32.73 25.91 -14.06
CA VAL A 34 -31.75 26.22 -15.07
C VAL A 34 -30.37 26.35 -14.43
N ALA A 35 -29.35 26.17 -15.28
CA ALA A 35 -27.95 26.45 -14.93
C ALA A 35 -27.62 27.78 -15.62
N ILE A 36 -27.33 28.80 -14.84
CA ILE A 36 -27.08 30.13 -15.35
C ILE A 36 -25.58 30.35 -15.26
N LYS A 37 -24.97 30.58 -16.41
CA LYS A 37 -23.52 30.72 -16.51
C LYS A 37 -23.26 32.18 -16.75
N THR A 38 -22.55 32.82 -15.83
CA THR A 38 -22.23 34.24 -15.91
C THR A 38 -20.82 34.50 -16.43
N ILE A 39 -20.70 35.43 -17.37
CA ILE A 39 -19.42 35.74 -18.03
C ILE A 39 -18.24 35.98 -17.06
N GLU A 46 -17.18 39.35 -24.99
CA GLU A 46 -18.61 39.08 -24.95
C GLU A 46 -19.18 38.48 -26.24
N GLU A 47 -18.79 39.07 -27.39
CA GLU A 47 -19.25 38.61 -28.72
C GLU A 47 -18.96 37.12 -28.95
N ASP A 48 -17.90 36.63 -28.31
CA ASP A 48 -17.47 35.24 -28.37
C ASP A 48 -18.45 34.35 -27.60
N PHE A 49 -18.66 34.72 -26.35
CA PHE A 49 -19.55 34.03 -25.40
C PHE A 49 -20.96 33.83 -26.01
N ILE A 50 -21.52 34.91 -26.52
CA ILE A 50 -22.81 34.94 -27.18
C ILE A 50 -22.82 34.09 -28.46
N GLU A 51 -21.75 34.16 -29.27
CA GLU A 51 -21.68 33.37 -30.53
C GLU A 51 -21.74 31.85 -30.30
N GLU A 52 -21.09 31.37 -29.26
CA GLU A 52 -21.17 29.97 -28.85
C GLU A 52 -22.65 29.55 -28.60
N ALA A 53 -23.39 30.42 -27.92
CA ALA A 53 -24.79 30.14 -27.61
C ALA A 53 -25.56 29.95 -28.91
N GLU A 54 -25.40 30.89 -29.85
CA GLU A 54 -26.12 30.82 -31.15
C GLU A 54 -25.83 29.54 -31.96
N VAL A 55 -24.56 29.15 -31.99
CA VAL A 55 -24.14 27.89 -32.62
C VAL A 55 -24.86 26.70 -31.97
N MET A 56 -24.85 26.64 -30.64
CA MET A 56 -25.42 25.50 -29.92
C MET A 56 -26.92 25.41 -30.03
N MET A 57 -27.59 26.56 -30.15
CA MET A 57 -29.07 26.59 -30.22
C MET A 57 -29.63 26.06 -31.54
N LYS A 58 -28.75 25.82 -32.52
CA LYS A 58 -29.15 25.16 -33.75
C LYS A 58 -28.52 23.76 -33.97
N LEU A 59 -28.04 23.14 -32.87
CA LEU A 59 -27.48 21.78 -32.89
C LEU A 59 -28.28 20.96 -31.93
N SER A 60 -29.20 20.17 -32.47
CA SER A 60 -30.19 19.48 -31.67
C SER A 60 -29.94 17.97 -31.70
N HIS A 61 -29.38 17.46 -30.61
CA HIS A 61 -29.13 16.03 -30.49
C HIS A 61 -29.34 15.61 -29.03
N PRO A 62 -29.93 14.41 -28.80
CA PRO A 62 -30.16 14.00 -27.44
C PRO A 62 -28.93 13.97 -26.50
N LYS A 63 -27.71 13.85 -27.04
CA LYS A 63 -26.52 13.78 -26.18
C LYS A 63 -25.68 15.10 -26.19
N LEU A 64 -26.34 16.20 -26.54
CA LEU A 64 -25.73 17.55 -26.54
C LEU A 64 -26.59 18.47 -25.64
N VAL A 65 -25.96 19.17 -24.71
CA VAL A 65 -26.72 20.04 -23.82
C VAL A 65 -27.50 21.14 -24.60
N GLN A 66 -28.63 21.57 -24.04
CA GLN A 66 -29.49 22.56 -24.65
C GLN A 66 -29.59 23.83 -23.84
N LEU A 67 -29.91 24.93 -24.53
CA LEU A 67 -30.07 26.24 -23.90
C LEU A 67 -31.51 26.68 -23.94
N TYR A 68 -31.92 27.38 -22.89
CA TYR A 68 -33.21 28.09 -22.88
C TYR A 68 -33.05 29.44 -23.55
N GLY A 69 -31.88 30.02 -23.47
CA GLY A 69 -31.68 31.35 -24.03
C GLY A 69 -30.46 32.09 -23.51
N VAL A 70 -30.38 33.37 -23.88
CA VAL A 70 -29.28 34.21 -23.48
C VAL A 70 -29.81 35.47 -22.85
N CYS A 71 -29.06 35.98 -21.91
CA CYS A 71 -29.44 37.18 -21.19
C CYS A 71 -28.47 38.25 -21.62
N LEU A 72 -28.98 39.25 -22.35
CA LEU A 72 -28.14 40.40 -22.78
C LEU A 72 -28.38 41.68 -21.99
N GLU A 73 -29.19 41.62 -20.94
CA GLU A 73 -29.61 42.84 -20.23
C GLU A 73 -28.47 43.73 -19.82
N GLN A 74 -27.60 43.22 -18.93
CA GLN A 74 -26.49 44.01 -18.41
C GLN A 74 -25.30 43.13 -18.02
N ALA A 75 -24.09 43.67 -18.23
CA ALA A 75 -22.85 42.99 -17.86
C ALA A 75 -22.75 42.85 -16.33
N PRO A 76 -22.35 41.66 -15.83
CA PRO A 76 -21.93 40.50 -16.61
C PRO A 76 -23.13 39.82 -17.28
N ILE A 77 -23.02 39.52 -18.58
CA ILE A 77 -24.09 38.80 -19.30
C ILE A 77 -24.10 37.32 -18.94
N CYS A 78 -25.11 36.60 -19.38
CA CYS A 78 -25.17 35.19 -19.03
C CYS A 78 -25.87 34.32 -20.05
N LEU A 79 -25.57 33.04 -19.97
CA LEU A 79 -26.24 32.03 -20.74
C LEU A 79 -27.12 31.22 -19.80
N VAL A 80 -28.30 30.82 -20.30
CA VAL A 80 -29.29 30.04 -19.55
C VAL A 80 -29.48 28.68 -20.18
N PHE A 81 -28.98 27.67 -19.47
CA PHE A 81 -28.97 26.31 -19.93
C PHE A 81 -29.98 25.50 -19.13
N GLU A 82 -30.34 24.33 -19.69
CA GLU A 82 -31.10 23.32 -18.95
C GLU A 82 -30.19 22.88 -17.81
N PHE A 83 -30.77 22.50 -16.68
CA PHE A 83 -30.01 22.08 -15.51
C PHE A 83 -29.79 20.60 -15.55
N MET A 84 -28.53 20.18 -15.62
CA MET A 84 -28.17 18.77 -15.60
C MET A 84 -27.99 18.39 -14.11
N GLU A 85 -28.84 17.48 -13.64
CA GLU A 85 -28.97 17.19 -12.20
C GLU A 85 -27.72 16.68 -11.50
N HIS A 86 -26.84 15.96 -12.18
CA HIS A 86 -25.66 15.39 -11.52
C HIS A 86 -24.34 16.06 -11.87
N GLY A 87 -24.37 17.23 -12.48
CA GLY A 87 -23.13 17.97 -12.72
C GLY A 87 -22.17 17.43 -13.76
N CYS A 88 -20.91 17.84 -13.60
N CYS A 88 -20.91 17.85 -13.66
CA CYS A 88 -19.85 17.46 -14.52
CA CYS A 88 -19.97 17.43 -14.68
C CYS A 88 -19.50 15.96 -14.43
C CYS A 88 -19.55 15.97 -14.46
N LEU A 89 -19.17 15.36 -15.56
CA LEU A 89 -18.88 13.93 -15.59
C LEU A 89 -17.63 13.60 -14.77
N SER A 90 -16.66 14.51 -14.81
CA SER A 90 -15.44 14.29 -14.06
C SER A 90 -15.74 14.21 -12.57
N ASP A 91 -16.47 15.18 -12.04
CA ASP A 91 -16.76 15.16 -10.61
C ASP A 91 -17.64 13.94 -10.25
N TYR A 92 -18.65 13.67 -11.07
CA TYR A 92 -19.55 12.56 -10.84
C TYR A 92 -18.80 11.21 -10.76
N LEU A 93 -17.90 10.95 -11.70
CA LEU A 93 -17.08 9.73 -11.68
C LEU A 93 -16.30 9.58 -10.35
N ARG A 94 -15.79 10.71 -9.86
CA ARG A 94 -14.97 10.76 -8.67
C ARG A 94 -15.81 10.49 -7.42
N THR A 95 -16.93 11.20 -7.25
CA THR A 95 -17.76 11.08 -6.06
C THR A 95 -18.45 9.69 -5.96
N GLN A 96 -18.66 9.03 -7.10
CA GLN A 96 -19.26 7.67 -7.15
C GLN A 96 -18.24 6.56 -7.39
N ARG A 97 -16.96 6.83 -7.12
CA ARG A 97 -15.98 5.77 -7.36
C ARG A 97 -16.30 4.52 -6.56
N GLY A 98 -16.18 3.36 -7.23
CA GLY A 98 -16.48 2.06 -6.65
C GLY A 98 -17.92 1.62 -6.82
N LEU A 99 -18.78 2.46 -7.38
CA LEU A 99 -20.20 2.13 -7.53
C LEU A 99 -20.63 1.87 -8.96
N PHE A 100 -19.69 1.78 -9.89
CA PHE A 100 -20.02 1.59 -11.29
C PHE A 100 -19.68 0.21 -11.78
N ALA A 101 -20.62 -0.36 -12.53
CA ALA A 101 -20.35 -1.56 -13.29
C ALA A 101 -19.68 -1.09 -14.57
N ALA A 102 -18.93 -2.00 -15.17
CA ALA A 102 -18.19 -1.70 -16.38
C ALA A 102 -19.12 -1.32 -17.54
N GLU A 103 -20.25 -2.00 -17.63
CA GLU A 103 -21.25 -1.73 -18.67
C GLU A 103 -21.78 -0.31 -18.59
N THR A 104 -21.92 0.23 -17.38
CA THR A 104 -22.43 1.58 -17.16
C THR A 104 -21.39 2.54 -17.70
N LEU A 105 -20.14 2.22 -17.45
CA LEU A 105 -19.00 3.07 -17.91
C LEU A 105 -18.92 3.09 -19.45
N LEU A 106 -19.08 1.92 -20.06
CA LEU A 106 -19.11 1.83 -21.53
C LEU A 106 -20.30 2.64 -22.07
N GLY A 107 -21.45 2.56 -21.39
CA GLY A 107 -22.65 3.32 -21.80
C GLY A 107 -22.41 4.82 -21.81
N MET A 108 -21.61 5.28 -20.86
CA MET A 108 -21.23 6.68 -20.78
C MET A 108 -20.38 7.10 -21.99
N CYS A 109 -19.40 6.29 -22.34
CA CYS A 109 -18.61 6.54 -23.53
C CYS A 109 -19.47 6.57 -24.81
N LEU A 110 -20.42 5.64 -24.91
CA LEU A 110 -21.35 5.58 -26.02
C LEU A 110 -22.19 6.86 -26.13
N ASP A 111 -22.68 7.38 -25.01
CA ASP A 111 -23.44 8.63 -25.02
C ASP A 111 -22.62 9.77 -25.64
N VAL A 112 -21.39 9.90 -25.15
CA VAL A 112 -20.51 10.96 -25.62
C VAL A 112 -20.24 10.79 -27.11
N CYS A 113 -20.03 9.54 -27.53
CA CYS A 113 -19.64 9.29 -28.88
C CYS A 113 -20.80 9.57 -29.84
N GLU A 114 -22.03 9.31 -29.42
CA GLU A 114 -23.19 9.59 -30.24
C GLU A 114 -23.21 11.13 -30.50
N GLY A 115 -23.07 11.90 -29.43
CA GLY A 115 -23.03 13.36 -29.57
C GLY A 115 -21.91 13.87 -30.47
N MET A 116 -20.73 13.25 -30.35
CA MET A 116 -19.59 13.66 -31.14
C MET A 116 -19.76 13.24 -32.58
N ALA A 117 -20.51 12.16 -32.84
CA ALA A 117 -20.68 11.73 -34.21
C ALA A 117 -21.59 12.72 -34.92
N TYR A 118 -22.61 13.21 -34.22
CA TYR A 118 -23.45 14.30 -34.72
C TYR A 118 -22.64 15.59 -35.00
N LEU A 119 -21.81 16.03 -34.06
CA LEU A 119 -20.97 17.21 -34.26
C LEU A 119 -20.02 17.03 -35.45
N GLU A 120 -19.43 15.85 -35.56
CA GLU A 120 -18.53 15.50 -36.67
C GLU A 120 -19.23 15.64 -38.03
N GLU A 121 -20.47 15.13 -38.11
CA GLU A 121 -21.26 15.18 -39.34
C GLU A 121 -21.61 16.64 -39.66
N ALA A 122 -21.80 17.48 -38.62
CA ALA A 122 -22.09 18.90 -38.80
C ALA A 122 -20.84 19.77 -39.07
N CYS A 123 -19.67 19.13 -39.22
CA CYS A 123 -18.37 19.81 -39.33
C CYS A 123 -18.10 20.77 -38.16
N VAL A 124 -18.48 20.35 -36.95
CA VAL A 124 -18.24 21.14 -35.76
C VAL A 124 -17.12 20.46 -34.98
N ILE A 125 -16.03 21.20 -34.76
CA ILE A 125 -14.88 20.70 -33.99
C ILE A 125 -14.97 21.23 -32.57
N HIS A 126 -14.95 20.30 -31.59
CA HIS A 126 -15.15 20.70 -30.19
C HIS A 126 -13.95 21.50 -29.68
N ARG A 127 -12.76 20.91 -29.80
CA ARG A 127 -11.47 21.54 -29.45
C ARG A 127 -11.10 21.41 -27.99
N ASP A 128 -12.02 20.99 -27.13
CA ASP A 128 -11.76 20.89 -25.67
C ASP A 128 -12.61 19.78 -25.06
N LEU A 129 -12.61 18.62 -25.72
CA LEU A 129 -13.37 17.49 -25.25
C LEU A 129 -12.62 16.82 -24.06
N ALA A 130 -13.35 16.61 -22.96
CA ALA A 130 -12.78 16.09 -21.71
C ALA A 130 -13.95 15.81 -20.79
N ALA A 131 -13.75 14.98 -19.77
CA ALA A 131 -14.87 14.65 -18.87
C ALA A 131 -15.44 15.87 -18.16
N ARG A 132 -14.63 16.90 -17.97
N ARG A 132 -14.63 16.90 -17.97
CA ARG A 132 -15.11 18.08 -17.27
CA ARG A 132 -15.10 18.08 -17.26
C ARG A 132 -16.03 18.90 -18.15
C ARG A 132 -16.03 18.90 -18.15
N ASN A 133 -16.06 18.61 -19.44
CA ASN A 133 -16.95 19.33 -20.38
C ASN A 133 -18.14 18.49 -20.83
N CYS A 134 -18.42 17.43 -20.08
CA CYS A 134 -19.61 16.63 -20.27
C CYS A 134 -20.45 16.70 -18.98
N LEU A 135 -21.77 16.60 -19.11
CA LEU A 135 -22.64 16.71 -17.98
C LEU A 135 -23.46 15.42 -17.81
N VAL A 136 -23.92 15.17 -16.59
CA VAL A 136 -24.67 13.98 -16.23
C VAL A 136 -26.09 14.32 -15.83
N GLY A 137 -27.05 13.72 -16.50
CA GLY A 137 -28.46 13.98 -16.24
C GLY A 137 -29.06 12.85 -15.41
N GLU A 138 -30.39 12.81 -15.39
CA GLU A 138 -31.11 11.70 -14.79
C GLU A 138 -30.79 10.41 -15.53
N ASN A 139 -30.72 9.36 -14.76
CA ASN A 139 -30.46 8.02 -15.25
C ASN A 139 -29.14 7.90 -15.90
N GLN A 140 -28.25 8.78 -15.46
CA GLN A 140 -26.86 8.77 -15.85
C GLN A 140 -26.63 8.99 -17.31
N VAL A 141 -27.57 9.66 -17.96
N VAL A 141 -27.57 9.67 -17.95
CA VAL A 141 -27.42 10.06 -19.33
CA VAL A 141 -27.39 10.09 -19.34
C VAL A 141 -26.32 11.14 -19.41
C VAL A 141 -26.27 11.12 -19.36
N ILE A 142 -25.36 10.98 -20.33
CA ILE A 142 -24.29 11.93 -20.51
C ILE A 142 -24.54 12.80 -21.76
N LYS A 143 -24.37 14.13 -21.60
CA LYS A 143 -24.45 15.06 -22.70
C LYS A 143 -23.14 15.82 -22.81
N VAL A 144 -22.69 16.05 -24.05
CA VAL A 144 -21.56 16.90 -24.33
C VAL A 144 -21.95 18.36 -24.20
N SER A 145 -21.08 19.10 -23.52
CA SER A 145 -21.29 20.52 -23.28
C SER A 145 -20.19 21.35 -23.92
N ASP A 146 -20.35 22.69 -23.88
CA ASP A 146 -19.34 23.67 -24.39
C ASP A 146 -18.78 23.34 -25.79
N PHE A 147 -19.69 23.06 -26.73
CA PHE A 147 -19.29 22.58 -28.05
C PHE A 147 -19.42 23.65 -29.10
N GLY A 148 -19.58 24.88 -28.66
CA GLY A 148 -19.81 25.98 -29.59
C GLY A 148 -18.65 26.94 -29.74
N MET A 149 -17.43 26.51 -29.43
CA MET A 149 -16.22 27.37 -29.58
C MET A 149 -15.56 27.30 -30.97
N THR A 150 -15.10 28.43 -31.49
CA THR A 150 -14.33 28.47 -32.76
C THR A 150 -13.00 29.20 -32.61
N PRO A 167 -5.11 22.90 -22.65
CA PRO A 167 -4.81 21.81 -21.71
C PRO A 167 -4.18 20.61 -22.43
N VAL A 168 -2.86 20.57 -22.38
CA VAL A 168 -2.10 19.61 -23.19
C VAL A 168 -2.45 18.14 -22.97
N LYS A 169 -3.04 17.81 -21.83
CA LYS A 169 -3.32 16.41 -21.49
C LYS A 169 -4.40 15.77 -22.34
N TRP A 170 -5.23 16.58 -22.98
CA TRP A 170 -6.24 16.08 -23.91
C TRP A 170 -5.92 16.36 -25.38
N ALA A 171 -4.76 16.93 -25.65
CA ALA A 171 -4.43 17.38 -27.00
C ALA A 171 -3.67 16.32 -27.82
N SER A 172 -4.04 16.14 -29.08
CA SER A 172 -3.25 15.26 -29.97
C SER A 172 -1.94 15.95 -30.29
N PRO A 173 -0.93 15.18 -30.73
CA PRO A 173 0.35 15.80 -31.08
C PRO A 173 0.27 16.89 -32.13
N GLU A 174 -0.56 16.71 -33.16
CA GLU A 174 -0.63 17.75 -34.19
C GLU A 174 -1.28 19.01 -33.63
N VAL A 175 -2.07 18.87 -32.57
CA VAL A 175 -2.64 20.01 -31.85
C VAL A 175 -1.57 20.65 -30.96
N PHE A 176 -0.89 19.89 -30.12
CA PHE A 176 0.05 20.55 -29.21
C PHE A 176 1.28 21.09 -29.89
N SER A 177 1.63 20.58 -31.07
CA SER A 177 2.77 21.11 -31.81
C SER A 177 2.39 22.14 -32.87
N PHE A 178 1.24 22.01 -33.53
CA PHE A 178 0.94 22.88 -34.67
C PHE A 178 -0.44 23.49 -34.75
N SER A 179 -1.27 23.30 -33.72
CA SER A 179 -2.64 23.85 -33.69
C SER A 179 -3.53 23.35 -34.81
N ARG A 180 -3.36 22.10 -35.23
CA ARG A 180 -4.13 21.56 -36.33
C ARG A 180 -5.33 20.80 -35.78
N TYR A 181 -6.36 21.55 -35.46
CA TYR A 181 -7.63 21.02 -34.94
C TYR A 181 -8.45 20.34 -36.05
N SER A 182 -9.12 19.25 -35.70
CA SER A 182 -10.00 18.53 -36.64
C SER A 182 -10.84 17.57 -35.84
N SER A 183 -11.78 16.90 -36.50
CA SER A 183 -12.54 15.88 -35.81
C SER A 183 -11.63 14.75 -35.30
N LYS A 184 -10.58 14.44 -36.05
CA LYS A 184 -9.62 13.41 -35.61
C LYS A 184 -8.82 13.86 -34.37
N SER A 185 -8.62 15.18 -34.18
CA SER A 185 -7.97 15.63 -32.93
C SER A 185 -8.99 15.44 -31.78
N ASP A 186 -10.26 15.76 -32.04
CA ASP A 186 -11.34 15.44 -31.08
C ASP A 186 -11.36 13.94 -30.74
N VAL A 187 -11.09 13.09 -31.73
CA VAL A 187 -11.05 11.68 -31.46
C VAL A 187 -9.95 11.35 -30.46
N TRP A 188 -8.76 11.96 -30.59
CA TRP A 188 -7.70 11.76 -29.59
C TRP A 188 -8.20 12.15 -28.17
N SER A 189 -8.78 13.34 -28.03
CA SER A 189 -9.35 13.77 -26.77
C SER A 189 -10.40 12.75 -26.27
N PHE A 190 -11.19 12.18 -27.17
CA PHE A 190 -12.20 11.18 -26.78
C PHE A 190 -11.56 9.92 -26.22
N GLY A 191 -10.40 9.52 -26.72
CA GLY A 191 -9.70 8.41 -26.08
C GLY A 191 -9.30 8.72 -24.63
N VAL A 192 -8.85 9.95 -24.39
CA VAL A 192 -8.44 10.35 -23.05
C VAL A 192 -9.69 10.38 -22.11
N LEU A 193 -10.78 10.92 -22.61
CA LEU A 193 -12.05 10.91 -21.88
C LEU A 193 -12.47 9.46 -21.53
N MET A 194 -12.28 8.52 -22.45
CA MET A 194 -12.54 7.12 -22.17
C MET A 194 -11.68 6.65 -20.99
N TRP A 195 -10.44 7.10 -20.97
CA TRP A 195 -9.52 6.73 -19.90
C TRP A 195 -10.04 7.34 -18.60
N GLU A 196 -10.48 8.61 -18.63
CA GLU A 196 -11.08 9.21 -17.43
C GLU A 196 -12.32 8.41 -16.91
N VAL A 197 -13.18 7.98 -17.80
CA VAL A 197 -14.40 7.23 -17.45
C VAL A 197 -14.04 5.88 -16.83
N PHE A 198 -13.24 5.07 -17.53
CA PHE A 198 -12.89 3.77 -17.02
C PHE A 198 -11.98 3.79 -15.81
N SER A 199 -11.28 4.90 -15.57
CA SER A 199 -10.48 5.07 -14.35
C SER A 199 -11.29 5.73 -13.28
N GLU A 200 -12.55 6.03 -13.58
CA GLU A 200 -13.45 6.65 -12.63
C GLU A 200 -12.93 7.99 -12.09
N GLY A 201 -12.45 8.83 -12.99
CA GLY A 201 -12.14 10.19 -12.65
C GLY A 201 -10.75 10.49 -12.13
N LYS A 202 -9.83 9.56 -12.35
CA LYS A 202 -8.43 9.83 -12.11
C LYS A 202 -7.99 10.95 -13.09
N ILE A 203 -6.94 11.65 -12.68
CA ILE A 203 -6.36 12.72 -13.49
C ILE A 203 -5.30 12.10 -14.39
N PRO A 204 -5.40 12.30 -15.70
CA PRO A 204 -4.40 11.72 -16.58
C PRO A 204 -3.03 12.39 -16.41
N TYR A 205 -1.95 11.62 -16.54
CA TYR A 205 -0.58 12.12 -16.38
C TYR A 205 -0.46 13.00 -15.12
N GLU A 206 -0.97 12.48 -14.02
CA GLU A 206 -1.05 13.23 -12.78
C GLU A 206 0.31 13.68 -12.36
N ASN A 207 0.42 14.91 -11.89
CA ASN A 207 1.74 15.45 -11.51
C ASN A 207 2.86 15.57 -12.60
N ARG A 208 2.56 15.22 -13.85
N ARG A 208 2.55 15.19 -13.84
CA ARG A 208 3.51 15.42 -14.94
CA ARG A 208 3.41 15.39 -15.00
C ARG A 208 3.30 16.81 -15.53
C ARG A 208 3.28 16.83 -15.50
N SER A 209 4.40 17.50 -15.82
CA SER A 209 4.32 18.86 -16.40
C SER A 209 3.94 18.80 -17.88
N ASN A 210 3.41 19.90 -18.40
CA ASN A 210 3.07 19.98 -19.81
C ASN A 210 4.26 19.53 -20.65
N SER A 211 5.47 20.00 -20.32
CA SER A 211 6.67 19.56 -21.03
C SER A 211 6.81 18.07 -20.98
N GLU A 212 6.67 17.50 -19.77
CA GLU A 212 6.81 16.05 -19.56
C GLU A 212 5.81 15.24 -20.42
N VAL A 213 4.56 15.70 -20.49
CA VAL A 213 3.50 14.98 -21.26
C VAL A 213 3.86 14.93 -22.76
N VAL A 214 4.19 16.10 -23.33
CA VAL A 214 4.58 16.21 -24.71
C VAL A 214 5.73 15.24 -25.00
N GLU A 215 6.75 15.23 -24.16
CA GLU A 215 7.90 14.34 -24.38
C GLU A 215 7.52 12.87 -24.34
N ASP A 216 6.78 12.51 -23.31
CA ASP A 216 6.34 11.10 -23.13
C ASP A 216 5.55 10.64 -24.37
N ILE A 217 4.60 11.45 -24.81
CA ILE A 217 3.78 11.10 -25.98
C ILE A 217 4.59 10.95 -27.25
N SER A 218 5.52 11.88 -27.48
CA SER A 218 6.40 11.86 -28.67
C SER A 218 7.27 10.60 -28.76
N THR A 219 7.69 10.08 -27.61
CA THR A 219 8.45 8.84 -27.55
C THR A 219 7.54 7.58 -27.52
N GLY A 220 6.24 7.72 -27.78
CA GLY A 220 5.35 6.54 -27.82
C GLY A 220 4.62 6.11 -26.55
N PHE A 221 4.83 6.81 -25.44
CA PHE A 221 4.12 6.49 -24.21
C PHE A 221 2.61 6.73 -24.37
N ARG A 222 1.81 5.88 -23.71
CA ARG A 222 0.37 6.04 -23.64
C ARG A 222 -0.15 5.74 -22.24
N LEU A 223 -1.26 6.37 -21.87
CA LEU A 223 -1.87 6.12 -20.58
C LEU A 223 -2.09 4.64 -20.37
N TYR A 224 -1.79 4.19 -19.14
CA TYR A 224 -1.97 2.80 -18.74
C TYR A 224 -3.44 2.34 -18.85
N LYS A 225 -3.63 1.05 -19.03
CA LYS A 225 -4.95 0.45 -19.03
C LYS A 225 -5.60 0.54 -17.64
N PRO A 226 -6.74 1.22 -17.51
CA PRO A 226 -7.46 1.20 -16.22
C PRO A 226 -7.92 -0.22 -15.88
N ARG A 227 -7.97 -0.59 -14.61
CA ARG A 227 -8.34 -1.99 -14.31
C ARG A 227 -9.78 -2.33 -14.68
N LEU A 228 -10.71 -1.36 -14.74
CA LEU A 228 -12.09 -1.68 -15.11
C LEU A 228 -12.26 -1.76 -16.64
N ALA A 229 -11.20 -1.47 -17.38
CA ALA A 229 -11.25 -1.49 -18.82
C ALA A 229 -10.80 -2.84 -19.32
N SER A 230 -11.63 -3.48 -20.14
CA SER A 230 -11.24 -4.75 -20.79
C SER A 230 -10.15 -4.52 -21.85
N THR A 231 -9.53 -5.63 -22.27
CA THR A 231 -8.53 -5.64 -23.34
C THR A 231 -9.10 -4.94 -24.60
N HIS A 232 -10.33 -5.30 -25.00
CA HIS A 232 -10.97 -4.67 -26.17
C HIS A 232 -11.19 -3.16 -26.03
N VAL A 233 -11.63 -2.72 -24.86
CA VAL A 233 -11.80 -1.30 -24.59
C VAL A 233 -10.47 -0.55 -24.77
N TYR A 234 -9.38 -1.14 -24.28
CA TYR A 234 -8.07 -0.52 -24.32
C TYR A 234 -7.58 -0.43 -25.76
N GLN A 235 -7.85 -1.46 -26.56
CA GLN A 235 -7.51 -1.37 -27.98
C GLN A 235 -8.15 -0.16 -28.65
N ILE A 236 -9.41 0.10 -28.30
CA ILE A 236 -10.10 1.25 -28.86
C ILE A 236 -9.49 2.56 -28.37
N MET A 237 -9.18 2.64 -27.09
CA MET A 237 -8.44 3.78 -26.59
C MET A 237 -7.17 4.01 -27.45
N ASN A 238 -6.41 2.95 -27.70
CA ASN A 238 -5.19 3.07 -28.46
C ASN A 238 -5.34 3.42 -29.93
N HIS A 239 -6.48 3.06 -30.52
N HIS A 239 -6.48 3.08 -30.52
CA HIS A 239 -6.74 3.45 -31.89
CA HIS A 239 -6.76 3.46 -31.91
C HIS A 239 -6.97 4.97 -31.93
C HIS A 239 -6.96 4.98 -31.93
N CYS A 240 -7.60 5.50 -30.88
CA CYS A 240 -7.84 6.94 -30.73
C CYS A 240 -6.53 7.75 -30.53
N TRP A 241 -5.49 7.11 -30.01
CA TRP A 241 -4.23 7.75 -29.74
C TRP A 241 -3.16 7.40 -30.75
N LYS A 242 -3.56 7.06 -31.97
CA LYS A 242 -2.57 6.80 -33.04
C LYS A 242 -1.90 8.12 -33.34
N GLU A 243 -0.60 8.08 -33.61
CA GLU A 243 0.16 9.31 -33.87
C GLU A 243 -0.45 10.15 -35.00
N ARG A 244 -0.84 9.51 -36.11
CA ARG A 244 -1.35 10.23 -37.26
C ARG A 244 -2.87 10.29 -37.26
N PRO A 245 -3.43 11.49 -37.43
CA PRO A 245 -4.88 11.58 -37.36
C PRO A 245 -5.60 10.70 -38.38
N GLU A 246 -5.01 10.54 -39.55
CA GLU A 246 -5.58 9.65 -40.58
C GLU A 246 -5.65 8.20 -40.09
N ASP A 247 -4.82 7.82 -39.11
CA ASP A 247 -4.87 6.45 -38.57
C ASP A 247 -5.93 6.25 -37.49
N ARG A 248 -6.58 7.32 -37.08
CA ARG A 248 -7.60 7.24 -36.04
C ARG A 248 -8.99 7.06 -36.70
N PRO A 249 -9.89 6.34 -36.05
CA PRO A 249 -11.24 6.19 -36.62
C PRO A 249 -12.08 7.43 -36.39
N ALA A 250 -13.02 7.66 -37.29
CA ALA A 250 -13.97 8.72 -37.10
C ALA A 250 -14.98 8.30 -36.02
N PHE A 251 -15.64 9.29 -35.44
CA PHE A 251 -16.64 9.03 -34.39
C PHE A 251 -17.76 8.10 -34.84
N SER A 252 -18.19 8.23 -36.09
CA SER A 252 -19.28 7.39 -36.62
C SER A 252 -18.89 5.93 -36.65
N ARG A 253 -17.61 5.67 -36.90
CA ARG A 253 -17.11 4.33 -36.83
C ARG A 253 -16.86 3.90 -35.38
N LEU A 254 -16.18 4.73 -34.59
CA LEU A 254 -16.00 4.47 -33.15
C LEU A 254 -17.30 4.04 -32.47
N LEU A 255 -18.38 4.73 -32.80
CA LEU A 255 -19.68 4.46 -32.20
C LEU A 255 -20.06 2.99 -32.34
N ARG A 256 -19.88 2.46 -33.52
CA ARG A 256 -20.26 1.07 -33.78
C ARG A 256 -19.28 0.10 -33.09
N GLN A 257 -18.00 0.46 -33.09
CA GLN A 257 -16.98 -0.34 -32.40
C GLN A 257 -17.33 -0.46 -30.94
N LEU A 258 -17.66 0.65 -30.33
CA LEU A 258 -18.10 0.64 -28.94
C LEU A 258 -19.33 -0.26 -28.70
N ALA A 259 -20.34 -0.08 -29.54
CA ALA A 259 -21.58 -0.84 -29.44
C ALA A 259 -21.41 -2.35 -29.61
N GLU A 260 -20.48 -2.74 -30.48
CA GLU A 260 -20.18 -4.13 -30.76
C GLU A 260 -19.66 -4.75 -29.48
N ILE A 261 -18.77 -4.02 -28.81
CA ILE A 261 -18.13 -4.51 -27.61
C ILE A 261 -19.09 -4.61 -26.45
N ALA A 262 -20.12 -3.76 -26.41
CA ALA A 262 -21.12 -3.81 -25.33
C ALA A 262 -21.84 -5.17 -25.25
N GLU A 263 -21.90 -5.90 -26.36
CA GLU A 263 -22.42 -7.29 -26.34
C GLU A 263 -21.34 -8.30 -25.94
N SER A 264 -20.29 -8.39 -26.76
CA SER A 264 -19.19 -9.33 -26.55
C SER A 264 -17.82 -8.64 -26.48
N GLY A 265 -17.27 -8.50 -25.27
CA GLY A 265 -15.94 -7.91 -25.08
C GLY A 265 -15.74 -7.24 -23.74
N GLY B 1 21.77 -46.94 17.97
CA GLY B 1 22.50 -45.71 17.58
C GLY B 1 23.99 -45.82 17.87
N SER B 2 24.78 -45.31 16.94
CA SER B 2 26.23 -45.42 17.11
C SER B 2 26.77 -44.33 18.06
N VAL B 3 27.83 -44.66 18.79
CA VAL B 3 28.50 -43.72 19.69
C VAL B 3 29.67 -43.19 18.89
N ILE B 4 30.03 -41.94 19.07
CA ILE B 4 31.04 -41.33 18.21
C ILE B 4 32.13 -40.66 19.02
N ASP B 5 33.35 -41.10 18.81
CA ASP B 5 34.46 -40.53 19.51
C ASP B 5 34.69 -39.14 18.95
N PRO B 6 34.88 -38.13 19.81
CA PRO B 6 35.10 -36.76 19.31
C PRO B 6 36.33 -36.60 18.41
N SER B 7 37.32 -37.49 18.54
CA SER B 7 38.48 -37.45 17.65
C SER B 7 38.06 -37.71 16.20
N GLU B 8 36.85 -38.22 16.00
CA GLU B 8 36.31 -38.51 14.65
C GLU B 8 35.53 -37.35 14.03
N LEU B 9 35.45 -36.23 14.73
CA LEU B 9 34.69 -35.10 14.22
C LEU B 9 35.62 -33.92 13.91
N THR B 10 35.34 -33.22 12.82
CA THR B 10 36.08 -32.01 12.51
C THR B 10 35.09 -30.88 12.54
N PHE B 11 35.41 -29.81 13.27
CA PHE B 11 34.53 -28.65 13.37
C PHE B 11 35.00 -27.65 12.34
N VAL B 12 34.16 -27.34 11.35
CA VAL B 12 34.56 -26.43 10.28
C VAL B 12 34.09 -25.02 10.51
N GLN B 13 32.81 -24.85 10.87
CA GLN B 13 32.23 -23.53 11.00
C GLN B 13 31.00 -23.50 11.90
N GLU B 14 31.02 -22.59 12.86
CA GLU B 14 29.87 -22.35 13.72
C GLU B 14 28.79 -21.70 12.86
N ILE B 15 27.60 -22.28 12.88
CA ILE B 15 26.45 -21.82 12.11
C ILE B 15 25.26 -21.39 12.97
N GLY B 16 25.33 -21.61 14.28
CA GLY B 16 24.25 -21.21 15.23
C GLY B 16 24.63 -21.28 16.72
N SER B 17 23.87 -20.60 17.57
CA SER B 17 24.09 -20.62 19.03
C SER B 17 22.75 -20.54 19.80
N GLY B 18 22.80 -20.40 21.13
CA GLY B 18 21.58 -20.25 21.98
C GLY B 18 21.09 -21.51 22.68
N LEU B 22 24.43 -24.59 20.58
CA LEU B 22 25.61 -24.37 19.74
C LEU B 22 25.63 -25.44 18.66
N VAL B 23 25.61 -24.99 17.41
CA VAL B 23 25.66 -25.88 16.25
C VAL B 23 26.84 -25.53 15.33
N HIS B 24 27.51 -26.56 14.82
CA HIS B 24 28.58 -26.39 13.84
C HIS B 24 28.37 -27.27 12.63
N LEU B 25 28.69 -26.72 11.47
CA LEU B 25 28.98 -27.50 10.30
C LEU B 25 30.32 -28.20 10.52
N GLY B 26 30.34 -29.50 10.28
CA GLY B 26 31.53 -30.33 10.44
C GLY B 26 31.56 -31.58 9.56
N TYR B 27 32.55 -32.43 9.79
CA TYR B 27 32.70 -33.69 9.07
C TYR B 27 32.85 -34.85 10.07
N TRP B 28 32.24 -35.97 9.78
CA TRP B 28 32.50 -37.20 10.52
C TRP B 28 33.38 -38.13 9.68
N LEU B 29 34.45 -38.66 10.29
CA LEU B 29 35.40 -39.54 9.64
C LEU B 29 36.00 -38.90 8.41
N ASN B 30 36.15 -37.58 8.47
CA ASN B 30 36.59 -36.78 7.35
C ASN B 30 35.84 -37.06 6.04
N LYS B 31 34.60 -37.52 6.17
CA LYS B 31 33.86 -37.95 5.04
C LYS B 31 32.45 -37.32 4.94
N ASP B 32 31.58 -37.57 5.91
CA ASP B 32 30.21 -37.08 5.84
C ASP B 32 30.05 -35.68 6.46
N LYS B 33 29.32 -34.83 5.76
CA LYS B 33 28.96 -33.49 6.24
C LYS B 33 27.96 -33.66 7.32
N VAL B 34 28.18 -32.99 8.43
CA VAL B 34 27.30 -33.12 9.57
C VAL B 34 27.02 -31.78 10.26
N ALA B 35 25.89 -31.76 10.98
CA ALA B 35 25.58 -30.68 11.88
C ALA B 35 25.81 -31.20 13.27
N ILE B 36 26.76 -30.60 13.98
CA ILE B 36 27.11 -31.08 15.30
C ILE B 36 26.48 -30.17 16.33
N LYS B 37 25.65 -30.73 17.20
CA LYS B 37 24.96 -29.92 18.20
C LYS B 37 25.62 -30.10 19.57
N THR B 38 26.13 -29.00 20.11
CA THR B 38 26.76 -29.05 21.42
C THR B 38 25.78 -28.58 22.47
N ILE B 39 25.69 -29.36 23.55
CA ILE B 39 24.76 -29.13 24.66
C ILE B 39 24.54 -27.65 25.04
N GLU B 47 21.36 -36.31 30.57
CA GLU B 47 20.50 -37.49 30.50
C GLU B 47 19.39 -37.31 29.46
N ASP B 48 18.72 -36.16 29.51
CA ASP B 48 17.60 -35.84 28.60
C ASP B 48 18.08 -35.64 27.15
N PHE B 49 19.20 -34.96 27.00
CA PHE B 49 19.83 -34.69 25.69
C PHE B 49 20.08 -35.98 24.92
N ILE B 50 20.51 -37.01 25.64
CA ILE B 50 20.83 -38.33 25.11
C ILE B 50 19.57 -39.12 24.80
N GLU B 51 18.61 -39.12 25.72
CA GLU B 51 17.32 -39.83 25.55
C GLU B 51 16.53 -39.37 24.32
N GLU B 52 16.61 -38.08 24.02
CA GLU B 52 15.97 -37.49 22.84
C GLU B 52 16.53 -38.13 21.58
N ALA B 53 17.85 -38.28 21.53
CA ALA B 53 18.51 -38.87 20.37
C ALA B 53 18.09 -40.35 20.16
N GLU B 54 17.99 -41.10 21.25
CA GLU B 54 17.67 -42.53 21.17
C GLU B 54 16.25 -42.72 20.64
N VAL B 55 15.34 -41.87 21.10
CA VAL B 55 13.98 -41.84 20.59
C VAL B 55 14.03 -41.53 19.08
N MET B 56 14.73 -40.49 18.68
CA MET B 56 14.79 -40.13 17.24
C MET B 56 15.44 -41.17 16.31
N MET B 57 16.40 -41.93 16.85
CA MET B 57 17.14 -42.91 16.05
C MET B 57 16.32 -44.16 15.70
N LYS B 58 15.13 -44.26 16.27
CA LYS B 58 14.20 -45.35 15.95
C LYS B 58 12.91 -44.83 15.28
N LEU B 59 12.96 -43.62 14.75
CA LEU B 59 11.81 -43.10 14.07
C LEU B 59 12.27 -42.72 12.67
N SER B 60 11.98 -43.60 11.71
CA SER B 60 12.48 -43.49 10.34
C SER B 60 11.39 -43.12 9.31
N HIS B 61 11.44 -41.86 8.86
CA HIS B 61 10.52 -41.34 7.86
C HIS B 61 11.25 -40.29 7.01
N PRO B 62 10.99 -40.26 5.68
CA PRO B 62 11.67 -39.32 4.84
C PRO B 62 11.57 -37.85 5.25
N LYS B 63 10.58 -37.48 6.05
CA LYS B 63 10.38 -36.06 6.43
C LYS B 63 10.70 -35.81 7.92
N LEU B 64 11.50 -36.69 8.50
CA LEU B 64 12.02 -36.52 9.88
C LEU B 64 13.56 -36.56 9.83
N VAL B 65 14.21 -35.57 10.44
CA VAL B 65 15.66 -35.50 10.39
C VAL B 65 16.32 -36.75 11.04
N GLN B 66 17.51 -37.12 10.55
CA GLN B 66 18.23 -38.30 11.02
C GLN B 66 19.54 -37.96 11.68
N LEU B 67 19.99 -38.84 12.57
CA LEU B 67 21.28 -38.68 13.24
C LEU B 67 22.25 -39.72 12.78
N TYR B 68 23.53 -39.37 12.81
CA TYR B 68 24.60 -40.34 12.61
C TYR B 68 24.94 -40.98 13.96
N GLY B 69 24.84 -40.23 15.04
CA GLY B 69 25.16 -40.78 16.34
C GLY B 69 25.23 -39.75 17.44
N VAL B 70 25.77 -40.17 18.58
CA VAL B 70 25.91 -39.31 19.75
C VAL B 70 27.35 -39.39 20.22
N CYS B 71 27.90 -38.25 20.61
CA CYS B 71 29.26 -38.20 21.12
C CYS B 71 29.13 -38.11 22.63
N LEU B 72 29.67 -39.09 23.36
CA LEU B 72 29.56 -39.12 24.86
C LEU B 72 30.84 -38.95 25.69
N GLU B 73 31.89 -39.70 25.40
CA GLU B 73 33.12 -39.67 26.23
C GLU B 73 33.53 -38.25 26.61
N GLN B 74 33.81 -37.41 25.62
CA GLN B 74 34.23 -36.01 25.87
C GLN B 74 33.04 -35.05 26.01
N ALA B 75 32.91 -34.49 27.22
CA ALA B 75 31.91 -33.47 27.55
C ALA B 75 32.52 -32.07 27.35
N PRO B 76 31.79 -31.11 26.74
CA PRO B 76 30.41 -31.12 26.25
C PRO B 76 30.02 -32.29 25.33
N ILE B 77 28.91 -32.91 25.68
CA ILE B 77 28.34 -33.99 24.90
C ILE B 77 27.66 -33.39 23.67
N CYS B 78 27.60 -34.15 22.60
CA CYS B 78 26.96 -33.63 21.43
C CYS B 78 26.23 -34.67 20.64
N LEU B 79 25.35 -34.17 19.78
CA LEU B 79 24.56 -34.97 18.86
C LEU B 79 25.02 -34.66 17.47
N VAL B 80 25.21 -35.71 16.68
CA VAL B 80 25.68 -35.58 15.33
C VAL B 80 24.56 -35.90 14.36
N PHE B 81 24.07 -34.87 13.66
CA PHE B 81 22.98 -35.03 12.71
C PHE B 81 23.46 -34.95 11.30
N GLU B 82 22.64 -35.47 10.39
CA GLU B 82 22.86 -35.19 8.97
C GLU B 82 22.79 -33.65 8.82
N PHE B 83 23.51 -33.12 7.83
CA PHE B 83 23.55 -31.69 7.60
C PHE B 83 22.48 -31.31 6.60
N MET B 84 21.54 -30.46 6.99
CA MET B 84 20.48 -29.95 6.08
C MET B 84 20.97 -28.63 5.47
N GLU B 85 21.09 -28.62 4.14
CA GLU B 85 21.81 -27.55 3.39
C GLU B 85 21.24 -26.15 3.60
N HIS B 86 19.94 -26.02 3.73
CA HIS B 86 19.33 -24.69 3.79
C HIS B 86 18.84 -24.26 5.14
N GLY B 87 19.28 -24.93 6.19
CA GLY B 87 19.00 -24.48 7.55
C GLY B 87 17.55 -24.59 8.02
N CYS B 88 17.21 -23.73 8.97
N CYS B 88 17.19 -23.79 9.00
CA CYS B 88 15.87 -23.70 9.56
CA CYS B 88 15.83 -23.88 9.52
C CYS B 88 14.81 -23.14 8.60
C CYS B 88 14.82 -23.18 8.63
N LEU B 89 13.61 -23.72 8.65
CA LEU B 89 12.53 -23.27 7.80
C LEU B 89 12.18 -21.79 8.11
N SER B 90 12.11 -21.41 9.41
CA SER B 90 11.86 -19.99 9.78
C SER B 90 12.84 -19.01 9.09
N ASP B 91 14.13 -19.24 9.21
CA ASP B 91 15.13 -18.42 8.52
C ASP B 91 15.02 -18.45 7.01
N TYR B 92 14.77 -19.62 6.44
CA TYR B 92 14.69 -19.80 4.99
C TYR B 92 13.51 -19.04 4.41
N LEU B 93 12.36 -19.09 5.07
CA LEU B 93 11.17 -18.32 4.63
C LEU B 93 11.44 -16.80 4.61
N ARG B 94 12.14 -16.28 5.62
CA ARG B 94 12.43 -14.84 5.76
C ARG B 94 13.48 -14.31 4.80
N THR B 95 14.56 -15.08 4.58
CA THR B 95 15.59 -14.62 3.62
C THR B 95 15.11 -14.74 2.17
N GLN B 96 14.20 -15.66 1.90
CA GLN B 96 13.67 -15.86 0.55
C GLN B 96 12.29 -15.20 0.34
N ARG B 97 11.80 -14.47 1.35
CA ARG B 97 10.50 -13.81 1.28
C ARG B 97 10.35 -13.10 -0.05
N GLY B 98 9.25 -13.38 -0.76
CA GLY B 98 8.92 -12.77 -2.05
C GLY B 98 9.27 -13.62 -3.26
N LEU B 99 9.93 -14.75 -3.05
CA LEU B 99 10.38 -15.64 -4.13
C LEU B 99 9.60 -16.97 -4.18
N PHE B 100 8.62 -17.12 -3.31
CA PHE B 100 7.84 -18.33 -3.27
C PHE B 100 6.52 -18.21 -4.02
N ALA B 101 6.26 -19.23 -4.83
CA ALA B 101 4.95 -19.48 -5.40
C ALA B 101 4.11 -20.18 -4.31
N ALA B 102 2.81 -19.92 -4.28
CA ALA B 102 1.92 -20.51 -3.24
C ALA B 102 1.95 -22.04 -3.20
N GLU B 103 2.19 -22.68 -4.34
CA GLU B 103 2.27 -24.15 -4.41
C GLU B 103 3.50 -24.72 -3.71
N THR B 104 4.59 -23.98 -3.72
CA THR B 104 5.81 -24.40 -3.05
C THR B 104 5.53 -24.37 -1.58
N LEU B 105 4.80 -23.33 -1.16
CA LEU B 105 4.45 -23.13 0.24
C LEU B 105 3.56 -24.27 0.76
N LEU B 106 2.56 -24.62 -0.02
CA LEU B 106 1.69 -25.72 0.27
C LEU B 106 2.50 -27.01 0.38
N GLY B 107 3.46 -27.21 -0.52
CA GLY B 107 4.35 -28.39 -0.54
C GLY B 107 5.12 -28.56 0.75
N MET B 108 5.60 -27.45 1.27
CA MET B 108 6.29 -27.43 2.54
C MET B 108 5.38 -27.92 3.66
N CYS B 109 4.14 -27.43 3.67
CA CYS B 109 3.20 -27.87 4.68
C CYS B 109 2.91 -29.38 4.51
N LEU B 110 2.79 -29.87 3.27
CA LEU B 110 2.60 -31.30 3.04
C LEU B 110 3.76 -32.12 3.61
N ASP B 111 5.00 -31.67 3.40
CA ASP B 111 6.18 -32.36 3.93
C ASP B 111 6.08 -32.52 5.43
N VAL B 112 5.83 -31.40 6.10
CA VAL B 112 5.69 -31.40 7.56
C VAL B 112 4.55 -32.30 8.02
N CYS B 113 3.44 -32.25 7.31
CA CYS B 113 2.26 -33.00 7.68
C CYS B 113 2.50 -34.50 7.55
N GLU B 114 3.24 -34.93 6.51
CA GLU B 114 3.60 -36.35 6.35
C GLU B 114 4.41 -36.84 7.59
N GLY B 115 5.42 -36.09 7.99
CA GLY B 115 6.23 -36.46 9.13
C GLY B 115 5.39 -36.49 10.40
N MET B 116 4.48 -35.54 10.53
CA MET B 116 3.68 -35.48 11.73
C MET B 116 2.68 -36.61 11.77
N ALA B 117 2.14 -37.02 10.60
CA ALA B 117 1.21 -38.14 10.60
C ALA B 117 1.97 -39.41 11.04
N TYR B 118 3.21 -39.56 10.65
CA TYR B 118 4.00 -40.72 11.08
C TYR B 118 4.21 -40.69 12.62
N LEU B 119 4.56 -39.52 13.17
CA LEU B 119 4.72 -39.41 14.61
C LEU B 119 3.41 -39.68 15.35
N GLU B 120 2.30 -39.18 14.83
CA GLU B 120 0.96 -39.43 15.40
C GLU B 120 0.60 -40.94 15.48
N GLU B 121 0.92 -41.67 14.40
CA GLU B 121 0.64 -43.09 14.35
C GLU B 121 1.56 -43.79 15.37
N ALA B 122 2.77 -43.26 15.59
CA ALA B 122 3.68 -43.83 16.59
C ALA B 122 3.38 -43.36 18.06
N CYS B 123 2.31 -42.57 18.24
CA CYS B 123 1.92 -41.96 19.52
C CYS B 123 3.06 -41.16 20.11
N VAL B 124 3.78 -40.44 19.25
CA VAL B 124 4.84 -39.54 19.69
C VAL B 124 4.32 -38.10 19.56
N ILE B 125 4.33 -37.36 20.65
CA ILE B 125 3.89 -35.97 20.69
C ILE B 125 5.11 -35.07 20.59
N HIS B 126 5.12 -34.15 19.62
CA HIS B 126 6.25 -33.24 19.42
C HIS B 126 6.39 -32.24 20.57
N ARG B 127 5.32 -31.50 20.84
CA ARG B 127 5.26 -30.53 21.94
C ARG B 127 5.85 -29.14 21.64
N ASP B 128 6.60 -28.99 20.55
CA ASP B 128 7.19 -27.70 20.16
C ASP B 128 7.30 -27.58 18.65
N LEU B 129 6.23 -27.93 17.95
CA LEU B 129 6.21 -27.85 16.53
C LEU B 129 6.09 -26.38 16.10
N ALA B 130 7.02 -25.92 15.27
CA ALA B 130 7.10 -24.54 14.81
C ALA B 130 8.11 -24.51 13.66
N ALA B 131 8.01 -23.50 12.82
CA ALA B 131 8.94 -23.41 11.68
C ALA B 131 10.41 -23.43 12.09
N ARG B 132 10.72 -22.90 13.27
N ARG B 132 10.73 -22.88 13.26
CA ARG B 132 12.09 -22.87 13.77
CA ARG B 132 12.12 -22.89 13.73
C ARG B 132 12.63 -24.29 14.09
C ARG B 132 12.64 -24.30 14.07
N ASN B 133 11.74 -25.27 14.21
CA ASN B 133 12.11 -26.66 14.51
C ASN B 133 11.94 -27.62 13.27
N CYS B 134 11.88 -27.04 12.06
CA CYS B 134 11.90 -27.78 10.80
C CYS B 134 13.12 -27.33 10.01
N LEU B 135 13.67 -28.25 9.19
CA LEU B 135 14.87 -27.96 8.43
C LEU B 135 14.61 -28.08 6.94
N VAL B 136 15.41 -27.40 6.14
CA VAL B 136 15.26 -27.40 4.68
C VAL B 136 16.46 -28.07 4.02
N GLY B 137 16.20 -29.09 3.21
CA GLY B 137 17.28 -29.79 2.50
C GLY B 137 17.38 -29.35 1.05
N GLU B 138 17.95 -30.21 0.19
CA GLU B 138 18.04 -29.91 -1.24
C GLU B 138 16.64 -30.14 -1.87
N ASN B 139 16.39 -29.37 -2.92
CA ASN B 139 15.10 -29.33 -3.57
C ASN B 139 14.03 -28.90 -2.64
N GLN B 140 14.44 -28.24 -1.55
CA GLN B 140 13.55 -27.62 -0.57
C GLN B 140 12.64 -28.58 0.15
N VAL B 141 13.12 -29.80 0.34
CA VAL B 141 12.37 -30.79 1.12
C VAL B 141 12.42 -30.33 2.55
N ILE B 142 11.31 -30.41 3.26
CA ILE B 142 11.28 -30.02 4.66
C ILE B 142 11.21 -31.28 5.54
N LYS B 143 12.05 -31.35 6.58
CA LYS B 143 12.00 -32.41 7.56
C LYS B 143 11.75 -31.80 8.94
N VAL B 144 10.95 -32.50 9.73
CA VAL B 144 10.73 -32.10 11.10
C VAL B 144 11.92 -32.48 11.95
N SER B 145 12.28 -31.60 12.86
CA SER B 145 13.40 -31.83 13.76
C SER B 145 12.97 -31.75 15.25
N ASP B 146 13.92 -32.04 16.15
CA ASP B 146 13.71 -31.93 17.63
C ASP B 146 12.39 -32.56 18.06
N PHE B 147 12.13 -33.78 17.57
CA PHE B 147 10.86 -34.43 17.85
C PHE B 147 10.98 -35.49 18.94
N GLY B 148 12.11 -35.53 19.63
CA GLY B 148 12.33 -36.56 20.66
C GLY B 148 12.17 -36.15 22.12
N MET B 149 11.55 -35.01 22.40
CA MET B 149 11.42 -34.50 23.79
C MET B 149 10.24 -35.13 24.55
N THR B 150 10.45 -35.47 25.83
CA THR B 150 9.37 -35.98 26.70
C THR B 150 8.84 -34.93 27.68
N PRO B 167 6.66 -20.81 25.04
CA PRO B 167 6.40 -20.59 23.63
C PRO B 167 4.89 -20.63 23.43
N VAL B 168 4.19 -19.75 24.13
CA VAL B 168 2.72 -19.74 24.12
C VAL B 168 2.10 -19.47 22.74
N LYS B 169 2.85 -18.85 21.83
CA LYS B 169 2.32 -18.52 20.50
C LYS B 169 1.96 -19.71 19.64
N TRP B 170 2.53 -20.86 19.95
CA TRP B 170 2.29 -22.11 19.23
C TRP B 170 1.42 -23.10 19.97
N ALA B 171 0.97 -22.73 21.16
CA ALA B 171 0.27 -23.66 22.03
C ALA B 171 -1.25 -23.61 21.93
N SER B 172 -1.87 -24.78 21.94
CA SER B 172 -3.32 -24.88 22.01
C SER B 172 -3.80 -24.35 23.35
N PRO B 173 -5.09 -24.02 23.46
CA PRO B 173 -5.52 -23.54 24.75
C PRO B 173 -5.40 -24.53 25.92
N GLU B 174 -5.67 -25.80 25.67
CA GLU B 174 -5.60 -26.79 26.72
C GLU B 174 -4.14 -27.02 27.15
N VAL B 175 -3.18 -26.66 26.28
CA VAL B 175 -1.77 -26.70 26.67
C VAL B 175 -1.40 -25.48 27.50
N PHE B 176 -1.84 -24.29 27.10
CA PHE B 176 -1.48 -23.13 27.90
C PHE B 176 -2.26 -23.03 29.20
N SER B 177 -3.43 -23.64 29.28
CA SER B 177 -4.19 -23.59 30.51
C SER B 177 -3.84 -24.78 31.40
N PHE B 178 -3.75 -25.99 30.84
CA PHE B 178 -3.62 -27.20 31.65
C PHE B 178 -2.45 -28.10 31.38
N SER B 179 -1.60 -27.77 30.42
CA SER B 179 -0.46 -28.63 30.03
C SER B 179 -0.91 -29.98 29.50
N ARG B 180 -2.02 -30.00 28.76
CA ARG B 180 -2.55 -31.25 28.15
C ARG B 180 -2.07 -31.38 26.73
N TYR B 181 -0.92 -32.03 26.59
CA TYR B 181 -0.32 -32.27 25.29
C TYR B 181 -0.93 -33.51 24.64
N SER B 182 -1.10 -33.47 23.33
CA SER B 182 -1.59 -34.63 22.58
C SER B 182 -1.27 -34.36 21.15
N SER B 183 -1.55 -35.32 20.27
CA SER B 183 -1.40 -35.07 18.84
C SER B 183 -2.30 -33.92 18.37
N LYS B 184 -3.47 -33.77 19.01
CA LYS B 184 -4.35 -32.65 18.70
C LYS B 184 -3.80 -31.28 19.14
N SER B 185 -2.96 -31.22 20.17
CA SER B 185 -2.31 -29.94 20.52
C SER B 185 -1.24 -29.68 19.47
N ASP B 186 -0.48 -30.72 19.10
CA ASP B 186 0.42 -30.61 17.94
C ASP B 186 -0.27 -30.09 16.67
N VAL B 187 -1.53 -30.48 16.46
CA VAL B 187 -2.28 -30.02 15.29
C VAL B 187 -2.51 -28.51 15.34
N TRP B 188 -2.81 -27.99 16.52
CA TRP B 188 -2.92 -26.53 16.70
C TRP B 188 -1.60 -25.87 16.29
N SER B 189 -0.48 -26.39 16.82
CA SER B 189 0.84 -25.86 16.49
C SER B 189 1.10 -25.90 15.00
N PHE B 190 0.63 -26.95 14.37
CA PHE B 190 0.80 -27.11 12.94
C PHE B 190 0.01 -26.06 12.13
N GLY B 191 -1.12 -25.61 12.65
CA GLY B 191 -1.89 -24.55 11.99
C GLY B 191 -1.08 -23.25 12.06
N VAL B 192 -0.42 -23.03 13.19
CA VAL B 192 0.39 -21.83 13.36
C VAL B 192 1.61 -21.92 12.41
N LEU B 193 2.21 -23.11 12.30
CA LEU B 193 3.31 -23.32 11.37
C LEU B 193 2.84 -23.02 9.95
N MET B 194 1.66 -23.48 9.56
CA MET B 194 1.05 -23.16 8.23
C MET B 194 0.98 -21.64 7.98
N TRP B 195 0.53 -20.93 9.01
CA TRP B 195 0.50 -19.48 8.97
C TRP B 195 1.93 -18.91 8.88
N GLU B 196 2.88 -19.42 9.65
CA GLU B 196 4.29 -19.04 9.46
C GLU B 196 4.73 -19.25 8.01
N VAL B 197 4.39 -20.40 7.44
CA VAL B 197 4.79 -20.69 6.07
C VAL B 197 4.15 -19.78 5.04
N PHE B 198 2.84 -19.68 5.07
CA PHE B 198 2.14 -18.88 4.08
C PHE B 198 2.38 -17.39 4.22
N SER B 199 2.75 -16.95 5.42
CA SER B 199 3.14 -15.54 5.65
C SER B 199 4.63 -15.34 5.36
N GLU B 200 5.32 -16.40 4.95
CA GLU B 200 6.76 -16.35 4.63
C GLU B 200 7.61 -15.89 5.81
N GLY B 201 7.31 -16.42 6.99
CA GLY B 201 8.15 -16.25 8.15
C GLY B 201 7.87 -15.09 9.09
N LYS B 202 6.65 -14.57 9.07
CA LYS B 202 6.30 -13.50 9.99
C LYS B 202 6.14 -14.12 11.39
N ILE B 203 6.23 -13.27 12.39
CA ILE B 203 6.12 -13.64 13.78
C ILE B 203 4.63 -13.62 14.14
N PRO B 204 4.08 -14.73 14.65
CA PRO B 204 2.66 -14.68 14.98
C PRO B 204 2.43 -13.85 16.22
N TYR B 205 1.32 -13.13 16.25
CA TYR B 205 0.96 -12.23 17.34
C TYR B 205 2.13 -11.29 17.76
N GLU B 206 2.84 -10.71 16.80
CA GLU B 206 3.99 -9.85 17.07
C GLU B 206 3.62 -8.75 18.05
N ASN B 207 4.53 -8.43 18.96
CA ASN B 207 4.29 -7.40 19.99
C ASN B 207 3.00 -7.59 20.79
N ARG B 208 2.59 -8.85 20.96
CA ARG B 208 1.55 -9.18 21.93
C ARG B 208 2.25 -9.91 23.06
N SER B 209 1.96 -9.55 24.30
CA SER B 209 2.50 -10.29 25.44
C SER B 209 1.86 -11.69 25.47
N ASN B 210 2.51 -12.59 26.18
CA ASN B 210 1.99 -13.95 26.35
C ASN B 210 0.62 -13.95 27.02
N SER B 211 0.41 -13.10 28.02
CA SER B 211 -0.89 -13.07 28.70
C SER B 211 -1.97 -12.46 27.81
N GLU B 212 -1.55 -11.59 26.87
CA GLU B 212 -2.48 -11.00 25.91
C GLU B 212 -2.91 -12.02 24.88
N VAL B 213 -1.96 -12.78 24.34
CA VAL B 213 -2.28 -13.84 23.39
C VAL B 213 -3.30 -14.84 23.95
N VAL B 214 -3.07 -15.26 25.19
CA VAL B 214 -4.00 -16.16 25.90
C VAL B 214 -5.41 -15.60 26.00
N GLU B 215 -5.49 -14.30 26.34
CA GLU B 215 -6.78 -13.64 26.52
C GLU B 215 -7.48 -13.49 25.15
N ASP B 216 -6.71 -13.07 24.14
CA ASP B 216 -7.21 -12.89 22.78
C ASP B 216 -7.76 -14.20 22.22
N ILE B 217 -6.96 -15.26 22.30
CA ILE B 217 -7.38 -16.56 21.76
C ILE B 217 -8.65 -17.03 22.45
N SER B 218 -8.74 -16.77 23.75
CA SER B 218 -9.90 -17.13 24.57
C SER B 218 -11.19 -16.47 24.10
N THR B 219 -11.11 -15.24 23.59
CA THR B 219 -12.29 -14.57 23.04
C THR B 219 -12.62 -15.00 21.60
N GLY B 220 -11.84 -15.90 20.99
CA GLY B 220 -12.12 -16.30 19.61
C GLY B 220 -11.26 -15.63 18.53
N PHE B 221 -10.30 -14.79 18.92
CA PHE B 221 -9.34 -14.20 17.98
C PHE B 221 -8.44 -15.28 17.38
N ARG B 222 -8.21 -15.18 16.07
CA ARG B 222 -7.25 -16.03 15.38
C ARG B 222 -6.34 -15.21 14.47
N LEU B 223 -5.14 -15.71 14.24
CA LEU B 223 -4.24 -15.08 13.30
C LEU B 223 -4.94 -14.85 11.97
N TYR B 224 -4.69 -13.69 11.38
CA TYR B 224 -5.31 -13.29 10.10
C TYR B 224 -4.83 -14.15 8.90
N LYS B 225 -5.60 -14.10 7.82
CA LYS B 225 -5.28 -14.82 6.60
C LYS B 225 -4.18 -14.07 5.85
N PRO B 226 -3.07 -14.74 5.55
CA PRO B 226 -2.05 -14.10 4.71
C PRO B 226 -2.44 -14.07 3.25
N ARG B 227 -1.85 -13.13 2.50
CA ARG B 227 -2.16 -12.94 1.08
CA ARG B 227 -2.15 -12.94 1.08
C ARG B 227 -2.03 -14.23 0.25
N LEU B 228 -1.00 -15.03 0.50
CA LEU B 228 -0.74 -16.20 -0.35
C LEU B 228 -1.53 -17.45 0.04
N ALA B 229 -2.27 -17.37 1.14
CA ALA B 229 -3.13 -18.46 1.57
C ALA B 229 -4.48 -18.27 0.92
N SER B 230 -4.94 -19.27 0.14
CA SER B 230 -6.30 -19.21 -0.44
C SER B 230 -7.37 -19.32 0.65
N THR B 231 -8.61 -19.12 0.26
CA THR B 231 -9.73 -19.27 1.18
C THR B 231 -9.74 -20.68 1.78
N HIS B 232 -9.53 -21.67 0.92
CA HIS B 232 -9.48 -23.09 1.39
C HIS B 232 -8.32 -23.35 2.34
N VAL B 233 -7.12 -22.91 1.99
CA VAL B 233 -6.00 -23.06 2.92
C VAL B 233 -6.31 -22.45 4.29
N TYR B 234 -6.96 -21.29 4.32
CA TYR B 234 -7.29 -20.59 5.57
C TYR B 234 -8.35 -21.32 6.37
N GLN B 235 -9.31 -21.93 5.67
CA GLN B 235 -10.27 -22.83 6.34
C GLN B 235 -9.56 -23.97 7.07
N ILE B 236 -8.58 -24.59 6.42
CA ILE B 236 -7.83 -25.68 7.05
C ILE B 236 -7.07 -25.16 8.26
N MET B 237 -6.45 -23.99 8.13
CA MET B 237 -5.77 -23.42 9.29
C MET B 237 -6.78 -23.26 10.45
N ASN B 238 -7.98 -22.76 10.15
CA ASN B 238 -8.95 -22.51 11.22
C ASN B 238 -9.49 -23.80 11.86
N HIS B 239 -9.50 -24.89 11.10
CA HIS B 239 -9.90 -26.20 11.63
CA HIS B 239 -9.92 -26.20 11.62
C HIS B 239 -8.84 -26.69 12.61
N CYS B 240 -7.56 -26.35 12.34
CA CYS B 240 -6.45 -26.67 13.25
C CYS B 240 -6.54 -25.88 14.55
N TRP B 241 -7.19 -24.72 14.51
CA TRP B 241 -7.35 -23.87 15.70
C TRP B 241 -8.73 -23.89 16.34
N LYS B 242 -9.45 -24.99 16.22
CA LYS B 242 -10.73 -25.10 16.92
C LYS B 242 -10.42 -25.19 18.41
N GLU B 243 -11.29 -24.60 19.22
CA GLU B 243 -11.05 -24.55 20.66
C GLU B 243 -10.89 -25.91 21.31
N ARG B 244 -11.75 -26.86 20.93
CA ARG B 244 -11.73 -28.20 21.51
C ARG B 244 -10.87 -29.14 20.65
N PRO B 245 -9.92 -29.86 21.28
CA PRO B 245 -9.05 -30.70 20.49
C PRO B 245 -9.79 -31.77 19.68
N GLU B 246 -10.91 -32.24 20.22
CA GLU B 246 -11.75 -33.25 19.55
C GLU B 246 -12.35 -32.72 18.23
N ASP B 247 -12.38 -31.40 18.08
CA ASP B 247 -12.89 -30.77 16.86
C ASP B 247 -11.82 -30.51 15.78
N ARG B 248 -10.57 -30.81 16.11
CA ARG B 248 -9.47 -30.62 15.18
C ARG B 248 -9.27 -31.92 14.42
N PRO B 249 -8.85 -31.83 13.16
CA PRO B 249 -8.60 -33.07 12.41
C PRO B 249 -7.27 -33.69 12.79
N ALA B 250 -7.17 -35.00 12.58
CA ALA B 250 -5.93 -35.70 12.79
C ALA B 250 -4.96 -35.41 11.66
N PHE B 251 -3.67 -35.50 11.94
CA PHE B 251 -2.68 -35.34 10.87
C PHE B 251 -2.94 -36.25 9.66
N SER B 252 -3.44 -37.47 9.88
CA SER B 252 -3.68 -38.39 8.78
C SER B 252 -4.77 -37.86 7.85
N ARG B 253 -5.76 -37.19 8.43
CA ARG B 253 -6.82 -36.53 7.68
C ARG B 253 -6.35 -35.18 7.09
N LEU B 254 -5.66 -34.36 7.87
CA LEU B 254 -5.08 -33.13 7.34
C LEU B 254 -4.25 -33.37 6.10
N LEU B 255 -3.45 -34.44 6.13
CA LEU B 255 -2.57 -34.73 5.01
C LEU B 255 -3.33 -34.83 3.68
N ARG B 256 -4.46 -35.50 3.69
CA ARG B 256 -5.25 -35.70 2.47
C ARG B 256 -6.04 -34.44 2.08
N GLN B 257 -6.48 -33.66 3.06
CA GLN B 257 -7.11 -32.37 2.79
C GLN B 257 -6.12 -31.43 2.12
N LEU B 258 -4.91 -31.35 2.67
CA LEU B 258 -3.88 -30.52 2.04
C LEU B 258 -3.61 -30.97 0.60
N ALA B 259 -3.50 -32.26 0.36
CA ALA B 259 -3.21 -32.77 -0.99
C ALA B 259 -4.33 -32.53 -2.02
N GLU B 260 -5.59 -32.56 -1.58
CA GLU B 260 -6.74 -32.25 -2.45
C GLU B 260 -6.55 -30.83 -2.96
N ILE B 261 -6.27 -29.90 -2.06
CA ILE B 261 -6.07 -28.51 -2.43
C ILE B 261 -4.96 -28.33 -3.45
N ALA B 262 -3.87 -29.07 -3.33
CA ALA B 262 -2.80 -28.97 -4.32
C ALA B 262 -3.33 -29.33 -5.70
N GLU B 263 -4.29 -30.26 -5.78
CA GLU B 263 -4.99 -30.57 -7.07
C GLU B 263 -5.88 -29.42 -7.59
N SER B 264 -6.61 -28.73 -6.70
CA SER B 264 -7.51 -27.60 -7.06
C SER B 264 -6.98 -26.14 -6.74
N GLY B 265 -7.53 -25.45 -5.73
CA GLY B 265 -7.16 -24.05 -5.41
C GLY B 265 -6.51 -23.81 -4.04
N GLY C 1 -35.39 20.02 20.86
CA GLY C 1 -35.26 20.65 19.49
C GLY C 1 -36.63 20.84 18.90
N SER C 2 -36.70 21.63 17.84
CA SER C 2 -38.04 21.91 17.26
C SER C 2 -38.59 20.76 16.35
N VAL C 3 -39.89 20.48 16.46
CA VAL C 3 -40.58 19.65 15.48
C VAL C 3 -40.99 20.59 14.34
N ILE C 4 -40.75 20.16 13.11
CA ILE C 4 -41.05 20.94 11.93
C ILE C 4 -42.13 20.23 11.13
N ASP C 5 -43.15 20.98 10.76
CA ASP C 5 -44.23 20.54 9.90
C ASP C 5 -43.71 20.49 8.46
N PRO C 6 -43.98 19.38 7.73
CA PRO C 6 -43.52 19.30 6.33
C PRO C 6 -44.00 20.42 5.42
N SER C 7 -45.19 20.98 5.65
CA SER C 7 -45.61 22.11 4.82
C SER C 7 -44.66 23.31 4.94
N GLU C 8 -43.86 23.37 5.99
CA GLU C 8 -42.89 24.46 6.18
C GLU C 8 -41.61 24.24 5.36
N LEU C 9 -41.47 23.09 4.69
CA LEU C 9 -40.23 22.84 3.96
C LEU C 9 -40.40 22.98 2.45
N THR C 10 -39.43 23.57 1.76
CA THR C 10 -39.45 23.65 0.32
C THR C 10 -38.25 22.88 -0.18
N PHE C 11 -38.51 21.80 -0.93
CA PHE C 11 -37.48 20.93 -1.51
C PHE C 11 -37.02 21.50 -2.85
N VAL C 12 -35.80 21.96 -2.93
CA VAL C 12 -35.34 22.62 -4.13
C VAL C 12 -34.60 21.63 -5.04
N GLN C 13 -33.61 20.93 -4.49
CA GLN C 13 -32.76 20.10 -5.31
C GLN C 13 -32.13 18.95 -4.53
N GLU C 14 -32.24 17.76 -5.10
CA GLU C 14 -31.58 16.60 -4.55
C GLU C 14 -30.07 16.76 -4.76
N ILE C 15 -29.31 16.62 -3.69
CA ILE C 15 -27.87 16.76 -3.74
C ILE C 15 -27.09 15.51 -3.31
N GLY C 16 -27.82 14.50 -2.81
CA GLY C 16 -27.19 13.26 -2.41
C GLY C 16 -28.22 12.16 -2.22
N SER C 17 -27.76 10.93 -2.44
CA SER C 17 -28.58 9.72 -2.35
C SER C 17 -27.75 8.56 -1.80
N GLY C 18 -28.35 7.70 -0.96
CA GLY C 18 -27.62 6.58 -0.33
C GLY C 18 -28.47 5.44 0.18
N GLN C 19 -27.84 4.57 0.97
CA GLN C 19 -28.50 3.38 1.53
C GLN C 19 -29.57 3.76 2.56
N PHE C 20 -29.18 4.65 3.47
CA PHE C 20 -30.06 5.13 4.54
C PHE C 20 -31.05 6.24 4.11
N GLY C 21 -30.80 6.91 2.96
CA GLY C 21 -31.72 7.95 2.47
C GLY C 21 -31.11 9.06 1.61
N LEU C 22 -31.94 10.08 1.30
CA LEU C 22 -31.60 11.19 0.41
C LEU C 22 -31.34 12.50 1.13
N VAL C 23 -30.59 13.37 0.47
CA VAL C 23 -30.39 14.73 0.94
C VAL C 23 -30.81 15.75 -0.11
N HIS C 24 -31.60 16.73 0.32
CA HIS C 24 -32.02 17.83 -0.54
C HIS C 24 -31.60 19.17 -0.02
N LEU C 25 -31.14 20.02 -0.91
CA LEU C 25 -31.08 21.47 -0.63
C LEU C 25 -32.52 21.95 -0.58
N GLY C 26 -32.86 22.73 0.45
CA GLY C 26 -34.19 23.29 0.57
C GLY C 26 -34.23 24.55 1.44
N TYR C 27 -35.45 24.98 1.75
CA TYR C 27 -35.68 26.13 2.60
C TYR C 27 -36.68 25.79 3.68
N TRP C 28 -36.45 26.32 4.87
CA TRP C 28 -37.42 26.27 5.95
C TRP C 28 -38.07 27.65 6.10
N LEU C 29 -39.40 27.66 6.16
CA LEU C 29 -40.17 28.89 6.32
C LEU C 29 -39.90 29.92 5.23
N ASN C 30 -39.57 29.44 4.02
CA ASN C 30 -39.22 30.30 2.89
C ASN C 30 -38.13 31.29 3.27
N LYS C 31 -37.24 30.87 4.12
CA LYS C 31 -36.26 31.76 4.63
C LYS C 31 -34.87 31.13 4.81
N ASP C 32 -34.76 30.12 5.66
CA ASP C 32 -33.46 29.55 5.91
C ASP C 32 -33.09 28.40 4.95
N LYS C 33 -31.87 28.44 4.43
CA LYS C 33 -31.33 27.40 3.55
C LYS C 33 -31.00 26.22 4.45
N VAL C 34 -31.42 25.02 4.03
CA VAL C 34 -31.25 23.83 4.87
C VAL C 34 -30.89 22.61 4.02
N ALA C 35 -30.28 21.64 4.68
CA ALA C 35 -30.03 20.35 4.10
C ALA C 35 -30.99 19.41 4.79
N ILE C 36 -31.90 18.81 4.01
CA ILE C 36 -32.95 17.96 4.53
C ILE C 36 -32.62 16.52 4.19
N LYS C 37 -32.49 15.70 5.23
CA LYS C 37 -32.10 14.34 5.07
C LYS C 37 -33.34 13.53 5.28
N THR C 38 -33.78 12.86 4.23
CA THR C 38 -34.98 11.98 4.24
C THR C 38 -34.52 10.56 4.39
N ILE C 39 -35.17 9.83 5.29
CA ILE C 39 -34.81 8.45 5.58
C ILE C 39 -35.10 7.58 4.34
N ARG C 40 -34.32 6.53 4.10
CA ARG C 40 -34.67 5.50 3.08
C ARG C 40 -35.55 4.54 3.87
N GLU C 41 -36.85 4.56 3.58
CA GLU C 41 -37.81 3.77 4.37
C GLU C 41 -37.29 2.34 4.60
N GLY C 42 -36.85 1.71 3.52
CA GLY C 42 -36.31 0.37 3.59
C GLY C 42 -35.28 0.10 4.67
N ALA C 43 -34.10 0.70 4.54
CA ALA C 43 -32.95 0.30 5.36
C ALA C 43 -32.97 0.56 6.87
N MET C 44 -33.29 1.77 7.31
CA MET C 44 -33.15 2.17 8.72
C MET C 44 -34.50 2.18 9.44
N SER C 45 -34.46 2.20 10.78
CA SER C 45 -35.67 2.28 11.58
C SER C 45 -35.85 3.75 11.91
N GLU C 46 -37.08 4.22 11.81
CA GLU C 46 -37.41 5.61 12.09
C GLU C 46 -36.93 6.10 13.49
N GLU C 47 -37.08 5.28 14.53
CA GLU C 47 -36.75 5.65 15.92
C GLU C 47 -35.27 5.98 16.10
N ASP C 48 -34.44 5.14 15.50
CA ASP C 48 -32.98 5.31 15.54
C ASP C 48 -32.55 6.62 14.90
N PHE C 49 -33.04 6.83 13.71
CA PHE C 49 -32.82 8.03 12.93
C PHE C 49 -33.05 9.28 13.81
N ILE C 50 -34.21 9.35 14.45
CA ILE C 50 -34.57 10.47 15.29
C ILE C 50 -33.70 10.59 16.54
N GLU C 51 -33.37 9.47 17.17
CA GLU C 51 -32.57 9.51 18.38
C GLU C 51 -31.20 10.19 18.11
N GLU C 52 -30.65 9.97 16.90
CA GLU C 52 -29.39 10.61 16.50
C GLU C 52 -29.51 12.13 16.52
N ALA C 53 -30.62 12.63 15.97
CA ALA C 53 -30.91 14.03 16.01
C ALA C 53 -30.95 14.60 17.44
N GLU C 54 -31.57 13.87 18.35
CA GLU C 54 -31.72 14.32 19.72
C GLU C 54 -30.36 14.45 20.39
N VAL C 55 -29.51 13.45 20.20
CA VAL C 55 -28.12 13.51 20.68
C VAL C 55 -27.43 14.80 20.14
N MET C 56 -27.54 15.02 18.83
CA MET C 56 -26.84 16.12 18.21
C MET C 56 -27.36 17.47 18.64
N MET C 57 -28.65 17.55 18.88
CA MET C 57 -29.23 18.86 19.22
C MET C 57 -28.83 19.35 20.62
N LYS C 58 -28.18 18.49 21.40
CA LYS C 58 -27.66 18.88 22.71
C LYS C 58 -26.13 18.90 22.79
N LEU C 59 -25.45 18.91 21.64
CA LEU C 59 -24.00 19.00 21.60
C LEU C 59 -23.66 20.27 20.82
N SER C 60 -23.36 21.34 21.55
CA SER C 60 -23.12 22.63 20.93
C SER C 60 -21.63 23.03 20.91
N HIS C 61 -21.02 22.87 19.74
CA HIS C 61 -19.65 23.32 19.48
C HIS C 61 -19.57 23.95 18.06
N PRO C 62 -18.74 25.01 17.87
CA PRO C 62 -18.64 25.65 16.55
C PRO C 62 -18.15 24.75 15.39
N LYS C 63 -17.51 23.61 15.68
CA LYS C 63 -17.02 22.69 14.69
C LYS C 63 -17.85 21.35 14.65
N LEU C 64 -19.07 21.43 15.14
CA LEU C 64 -20.06 20.30 15.06
C LEU C 64 -21.31 20.79 14.37
N VAL C 65 -21.79 20.08 13.35
CA VAL C 65 -22.93 20.55 12.55
C VAL C 65 -24.16 20.71 13.44
N GLN C 66 -25.02 21.66 13.09
CA GLN C 66 -26.25 21.91 13.81
C GLN C 66 -27.52 21.60 13.06
N LEU C 67 -28.58 21.34 13.80
CA LEU C 67 -29.93 21.11 13.25
C LEU C 67 -30.90 22.20 13.57
N TYR C 68 -31.85 22.41 12.66
CA TYR C 68 -33.02 23.22 12.95
C TYR C 68 -34.15 22.42 13.61
N GLY C 69 -34.25 21.14 13.25
CA GLY C 69 -35.34 20.32 13.76
C GLY C 69 -35.53 19.00 13.02
N VAL C 70 -36.64 18.36 13.32
CA VAL C 70 -37.00 17.07 12.76
C VAL C 70 -38.44 17.13 12.31
N CYS C 71 -38.75 16.38 11.26
CA CYS C 71 -40.08 16.33 10.71
C CYS C 71 -40.59 14.88 10.91
N LEU C 72 -41.62 14.69 11.72
CA LEU C 72 -42.10 13.38 12.22
C LEU C 72 -43.41 12.80 11.67
N GLU C 73 -44.31 13.68 11.25
CA GLU C 73 -45.67 13.33 10.80
C GLU C 73 -45.78 12.14 9.85
N GLN C 74 -45.30 12.34 8.62
CA GLN C 74 -45.52 11.39 7.54
C GLN C 74 -44.25 10.71 7.09
N ALA C 75 -44.29 9.38 6.97
CA ALA C 75 -43.18 8.62 6.36
C ALA C 75 -43.09 9.06 4.90
N PRO C 76 -41.86 9.33 4.39
CA PRO C 76 -40.58 9.24 5.09
C PRO C 76 -40.28 10.49 5.92
N ILE C 77 -39.85 10.28 7.16
CA ILE C 77 -39.51 11.37 8.07
C ILE C 77 -38.18 12.01 7.67
N CYS C 78 -37.89 13.16 8.24
CA CYS C 78 -36.63 13.82 7.91
C CYS C 78 -35.97 14.57 9.04
N LEU C 79 -34.69 14.88 8.84
CA LEU C 79 -33.89 15.72 9.74
C LEU C 79 -33.54 16.98 8.96
N VAL C 80 -33.68 18.14 9.59
CA VAL C 80 -33.47 19.43 8.92
C VAL C 80 -32.22 20.05 9.50
N PHE C 81 -31.14 20.03 8.71
CA PHE C 81 -29.83 20.53 9.12
C PHE C 81 -29.56 21.92 8.53
N GLU C 82 -28.67 22.67 9.18
CA GLU C 82 -28.14 23.90 8.59
C GLU C 82 -27.45 23.46 7.31
N PHE C 83 -27.45 24.33 6.30
CA PHE C 83 -26.85 24.00 5.01
C PHE C 83 -25.39 24.37 4.95
N MET C 84 -24.50 23.40 4.72
CA MET C 84 -23.06 23.67 4.62
C MET C 84 -22.72 23.83 3.15
N GLU C 85 -22.31 25.04 2.80
CA GLU C 85 -22.18 25.51 1.43
C GLU C 85 -21.33 24.67 0.53
N HIS C 86 -20.25 24.06 1.04
CA HIS C 86 -19.33 23.33 0.20
C HIS C 86 -19.35 21.81 0.28
N GLY C 87 -20.34 21.23 0.97
CA GLY C 87 -20.50 19.77 0.94
C GLY C 87 -19.49 19.00 1.79
N CYS C 88 -19.24 17.75 1.39
N CYS C 88 -19.23 17.74 1.44
CA CYS C 88 -18.40 16.85 2.15
CA CYS C 88 -18.38 16.95 2.30
C CYS C 88 -16.89 17.15 1.95
C CYS C 88 -16.91 17.18 1.98
N LEU C 89 -16.11 16.98 3.01
CA LEU C 89 -14.71 17.28 2.94
C LEU C 89 -13.97 16.40 1.94
N SER C 90 -14.31 15.12 1.88
CA SER C 90 -13.64 14.22 0.93
C SER C 90 -13.78 14.69 -0.53
N ASP C 91 -15.02 15.03 -0.91
CA ASP C 91 -15.31 15.55 -2.20
C ASP C 91 -14.62 16.92 -2.40
N TYR C 92 -14.76 17.80 -1.42
CA TYR C 92 -14.18 19.12 -1.56
C TYR C 92 -12.65 19.02 -1.79
N LEU C 93 -11.98 18.10 -1.10
CA LEU C 93 -10.53 18.03 -1.26
C LEU C 93 -10.15 17.64 -2.65
N ARG C 94 -10.88 16.69 -3.19
CA ARG C 94 -10.58 16.15 -4.50
C ARG C 94 -10.83 17.15 -5.62
N THR C 95 -11.90 17.94 -5.48
CA THR C 95 -12.28 18.87 -6.52
C THR C 95 -11.34 20.11 -6.52
N GLN C 96 -10.82 20.51 -5.36
CA GLN C 96 -9.90 21.66 -5.27
C GLN C 96 -8.40 21.22 -5.21
N ARG C 97 -8.11 19.96 -5.49
CA ARG C 97 -6.73 19.49 -5.41
C ARG C 97 -5.82 20.41 -6.22
N GLY C 98 -4.65 20.72 -5.65
CA GLY C 98 -3.68 21.64 -6.26
C GLY C 98 -3.88 23.10 -5.91
N LEU C 99 -5.01 23.46 -5.32
CA LEU C 99 -5.27 24.85 -4.92
C LEU C 99 -5.11 25.09 -3.42
N PHE C 100 -4.56 24.15 -2.65
CA PHE C 100 -4.43 24.33 -1.18
C PHE C 100 -3.01 24.62 -0.70
N ALA C 101 -2.86 25.65 0.13
CA ALA C 101 -1.61 25.84 0.88
C ALA C 101 -1.61 24.82 2.06
N ALA C 102 -0.44 24.38 2.51
CA ALA C 102 -0.30 23.48 3.64
C ALA C 102 -0.94 24.03 4.92
N GLU C 103 -0.82 25.32 5.15
CA GLU C 103 -1.47 25.98 6.29
C GLU C 103 -2.99 25.74 6.33
N THR C 104 -3.65 25.84 5.18
CA THR C 104 -5.07 25.59 5.08
C THR C 104 -5.39 24.12 5.41
N LEU C 105 -4.56 23.22 4.93
CA LEU C 105 -4.83 21.80 5.18
C LEU C 105 -4.70 21.54 6.70
N LEU C 106 -3.69 22.13 7.31
CA LEU C 106 -3.48 21.99 8.75
C LEU C 106 -4.70 22.57 9.54
N GLY C 107 -5.22 23.72 9.12
CA GLY C 107 -6.41 24.36 9.71
C GLY C 107 -7.66 23.49 9.68
N MET C 108 -7.83 22.75 8.59
CA MET C 108 -8.93 21.81 8.46
C MET C 108 -8.81 20.72 9.48
N CYS C 109 -7.61 20.19 9.68
CA CYS C 109 -7.40 19.16 10.70
C CYS C 109 -7.65 19.75 12.08
N LEU C 110 -7.22 20.99 12.32
CA LEU C 110 -7.52 21.65 13.60
C LEU C 110 -9.02 21.78 13.88
N ASP C 111 -9.82 22.13 12.87
CA ASP C 111 -11.24 22.31 13.06
C ASP C 111 -11.80 20.96 13.50
N VAL C 112 -11.44 19.91 12.81
CA VAL C 112 -11.95 18.59 13.15
C VAL C 112 -11.52 18.15 14.54
N CYS C 113 -10.26 18.40 14.87
CA CYS C 113 -9.74 18.03 16.17
C CYS C 113 -10.43 18.78 17.30
N GLU C 114 -10.77 20.04 17.09
CA GLU C 114 -11.50 20.80 18.10
C GLU C 114 -12.88 20.15 18.34
N GLY C 115 -13.63 19.88 17.27
CA GLY C 115 -14.90 19.18 17.40
C GLY C 115 -14.77 17.84 18.14
N MET C 116 -13.78 17.05 17.76
CA MET C 116 -13.60 15.73 18.37
C MET C 116 -13.20 15.79 19.86
N ALA C 117 -12.40 16.81 20.22
CA ALA C 117 -12.00 17.02 21.60
C ALA C 117 -13.20 17.39 22.46
N TYR C 118 -14.15 18.11 21.87
CA TYR C 118 -15.40 18.38 22.58
C TYR C 118 -16.16 17.07 22.85
N LEU C 119 -16.32 16.24 21.81
CA LEU C 119 -17.05 14.97 21.93
C LEU C 119 -16.36 14.00 22.89
N GLU C 120 -15.03 13.97 22.84
CA GLU C 120 -14.26 13.16 23.77
C GLU C 120 -14.58 13.53 25.22
N GLU C 121 -14.62 14.83 25.51
CA GLU C 121 -14.86 15.32 26.88
C GLU C 121 -16.31 15.00 27.30
N ALA C 122 -17.22 14.99 26.34
CA ALA C 122 -18.63 14.60 26.57
C ALA C 122 -18.85 13.07 26.63
N CYS C 123 -17.76 12.30 26.45
CA CYS C 123 -17.79 10.82 26.38
C CYS C 123 -18.66 10.28 25.26
N VAL C 124 -18.63 10.98 24.11
CA VAL C 124 -19.35 10.57 22.90
C VAL C 124 -18.30 9.98 21.93
N ILE C 125 -18.50 8.72 21.53
CA ILE C 125 -17.59 8.05 20.62
C ILE C 125 -18.23 8.14 19.22
N HIS C 126 -17.48 8.58 18.22
CA HIS C 126 -18.05 8.78 16.88
C HIS C 126 -18.27 7.43 16.17
N ARG C 127 -17.19 6.64 16.08
CA ARG C 127 -17.18 5.30 15.44
C ARG C 127 -17.05 5.32 13.92
N ASP C 128 -17.17 6.46 13.26
CA ASP C 128 -17.13 6.48 11.81
C ASP C 128 -16.56 7.80 11.33
N LEU C 129 -15.51 8.25 12.00
CA LEU C 129 -14.92 9.52 11.66
C LEU C 129 -14.07 9.30 10.39
N ALA C 130 -14.30 10.15 9.40
CA ALA C 130 -13.62 10.11 8.11
C ALA C 130 -13.98 11.39 7.35
N ALA C 131 -13.17 11.78 6.37
CA ALA C 131 -13.41 13.03 5.62
C ALA C 131 -14.82 13.11 5.01
N ARG C 132 -15.35 11.95 4.62
CA ARG C 132 -16.71 11.90 4.03
C ARG C 132 -17.76 12.23 5.06
N ASN C 133 -17.38 12.25 6.33
CA ASN C 133 -18.35 12.56 7.37
C ASN C 133 -18.10 13.93 8.00
N CYS C 134 -17.28 14.73 7.35
CA CYS C 134 -17.09 16.12 7.72
C CYS C 134 -17.65 16.99 6.60
N LEU C 135 -18.10 18.20 6.98
CA LEU C 135 -18.69 19.13 6.06
C LEU C 135 -17.87 20.47 6.03
N VAL C 136 -17.94 21.13 4.89
CA VAL C 136 -17.18 22.36 4.60
C VAL C 136 -18.14 23.52 4.42
N GLY C 137 -18.02 24.54 5.25
CA GLY C 137 -18.89 25.70 5.14
C GLY C 137 -18.15 26.84 4.50
N GLU C 138 -18.63 28.05 4.73
CA GLU C 138 -17.99 29.25 4.14
C GLU C 138 -16.65 29.53 4.80
N ASN C 139 -15.73 30.10 4.03
CA ASN C 139 -14.36 30.33 4.50
C ASN C 139 -13.73 29.03 4.92
N GLN C 140 -14.23 27.94 4.35
CA GLN C 140 -13.67 26.63 4.53
C GLN C 140 -13.61 26.13 5.95
N VAL C 141 -14.51 26.59 6.83
CA VAL C 141 -14.63 25.99 8.15
C VAL C 141 -15.08 24.53 8.01
N ILE C 142 -14.51 23.66 8.80
CA ILE C 142 -14.89 22.27 8.74
C ILE C 142 -15.70 21.93 9.99
N LYS C 143 -16.86 21.26 9.82
CA LYS C 143 -17.60 20.74 10.94
C LYS C 143 -17.75 19.22 10.81
N VAL C 144 -17.67 18.55 11.96
CA VAL C 144 -17.88 17.14 12.04
C VAL C 144 -19.40 16.87 11.97
N SER C 145 -19.80 15.86 11.20
N SER C 145 -19.77 15.82 11.23
CA SER C 145 -21.21 15.44 11.17
CA SER C 145 -21.15 15.42 11.11
C SER C 145 -21.31 13.96 11.53
C SER C 145 -21.31 13.95 11.54
N ASP C 146 -22.55 13.47 11.56
CA ASP C 146 -22.87 12.05 11.86
C ASP C 146 -22.29 11.54 13.18
N PHE C 147 -22.34 12.39 14.19
CA PHE C 147 -21.70 12.07 15.46
C PHE C 147 -22.70 11.61 16.49
N GLY C 148 -23.92 11.31 16.08
CA GLY C 148 -24.94 10.88 17.04
C GLY C 148 -25.29 9.39 17.01
N MET C 149 -24.60 8.59 16.20
CA MET C 149 -24.93 7.17 16.08
C MET C 149 -24.46 6.39 17.31
N THR C 150 -25.33 5.53 17.85
CA THR C 150 -25.00 4.65 19.00
C THR C 150 -24.00 3.56 18.62
N PHE C 166 -15.39 0.83 2.47
CA PHE C 166 -14.62 -0.13 3.27
C PHE C 166 -14.21 0.49 4.64
N PRO C 167 -15.08 0.34 5.71
CA PRO C 167 -14.91 0.95 7.06
C PRO C 167 -13.61 0.51 7.76
N VAL C 168 -13.14 -0.70 7.44
CA VAL C 168 -11.89 -1.20 7.97
C VAL C 168 -10.71 -0.23 7.71
N LYS C 169 -10.79 0.63 6.69
CA LYS C 169 -9.71 1.57 6.38
C LYS C 169 -9.57 2.65 7.40
N TRP C 170 -10.65 2.89 8.15
CA TRP C 170 -10.61 3.90 9.22
C TRP C 170 -10.54 3.27 10.63
N ALA C 171 -10.44 1.94 10.66
CA ALA C 171 -10.50 1.19 11.94
C ALA C 171 -9.14 0.91 12.60
N SER C 172 -9.11 1.06 13.92
CA SER C 172 -7.92 0.71 14.68
C SER C 172 -7.87 -0.80 14.82
N PRO C 173 -6.69 -1.37 15.04
CA PRO C 173 -6.58 -2.81 15.22
C PRO C 173 -7.53 -3.41 16.29
N GLU C 174 -7.74 -2.71 17.40
CA GLU C 174 -8.62 -3.24 18.41
C GLU C 174 -10.07 -3.20 17.94
N VAL C 175 -10.39 -2.27 17.02
CA VAL C 175 -11.71 -2.26 16.40
C VAL C 175 -11.79 -3.37 15.38
N PHE C 176 -10.85 -3.49 14.45
CA PHE C 176 -11.03 -4.58 13.46
C PHE C 176 -10.85 -6.01 14.01
N SER C 177 -10.10 -6.15 15.10
CA SER C 177 -9.92 -7.47 15.71
C SER C 177 -10.97 -7.78 16.79
N PHE C 178 -11.35 -6.79 17.58
CA PHE C 178 -12.27 -7.02 18.73
C PHE C 178 -13.49 -6.10 18.87
N SER C 179 -13.74 -5.21 17.91
CA SER C 179 -14.83 -4.22 18.04
C SER C 179 -14.74 -3.41 19.35
N ARG C 180 -13.53 -2.99 19.71
CA ARG C 180 -13.29 -2.28 20.97
C ARG C 180 -13.20 -0.76 20.70
N TYR C 181 -14.37 -0.13 20.67
CA TYR C 181 -14.51 1.30 20.34
C TYR C 181 -14.19 2.25 21.51
N SER C 182 -13.55 3.38 21.22
CA SER C 182 -13.27 4.36 22.28
C SER C 182 -12.86 5.65 21.61
N SER C 183 -12.57 6.65 22.43
CA SER C 183 -12.05 7.89 21.87
C SER C 183 -10.68 7.64 21.24
N LYS C 184 -9.92 6.71 21.79
CA LYS C 184 -8.62 6.36 21.22
C LYS C 184 -8.75 5.65 19.85
N SER C 185 -9.84 4.89 19.64
CA SER C 185 -10.10 4.35 18.27
C SER C 185 -10.56 5.48 17.31
N ASP C 186 -11.32 6.48 17.79
CA ASP C 186 -11.57 7.71 17.00
C ASP C 186 -10.25 8.38 16.68
N VAL C 187 -9.30 8.33 17.61
CA VAL C 187 -8.01 8.97 17.34
C VAL C 187 -7.33 8.33 16.17
N TRP C 188 -7.37 7.00 16.06
CA TRP C 188 -6.79 6.32 14.90
C TRP C 188 -7.50 6.81 13.62
N SER C 189 -8.84 6.80 13.62
CA SER C 189 -9.60 7.28 12.45
C SER C 189 -9.18 8.72 12.06
N PHE C 190 -8.99 9.55 13.07
CA PHE C 190 -8.58 10.94 12.85
C PHE C 190 -7.25 11.01 12.09
N GLY C 191 -6.32 10.13 12.45
CA GLY C 191 -5.05 9.97 11.79
C GLY C 191 -5.25 9.71 10.29
N VAL C 192 -6.16 8.79 9.96
CA VAL C 192 -6.46 8.50 8.58
C VAL C 192 -7.08 9.77 7.91
N LEU C 193 -7.99 10.46 8.61
CA LEU C 193 -8.56 11.70 8.10
C LEU C 193 -7.51 12.75 7.76
N MET C 194 -6.52 12.89 8.64
CA MET C 194 -5.37 13.78 8.33
C MET C 194 -4.66 13.40 7.01
N TRP C 195 -4.49 12.09 6.80
CA TRP C 195 -3.88 11.62 5.59
C TRP C 195 -4.75 11.99 4.39
N GLU C 196 -6.06 11.81 4.48
CA GLU C 196 -6.98 12.22 3.40
C GLU C 196 -6.84 13.69 3.13
N VAL C 197 -6.77 14.48 4.20
CA VAL C 197 -6.62 15.92 4.05
C VAL C 197 -5.29 16.32 3.39
N PHE C 198 -4.19 15.80 3.89
CA PHE C 198 -2.91 16.17 3.36
C PHE C 198 -2.59 15.56 2.00
N SER C 199 -3.24 14.44 1.68
CA SER C 199 -3.16 13.85 0.35
C SER C 199 -4.15 14.53 -0.62
N GLU C 200 -4.95 15.49 -0.14
CA GLU C 200 -5.98 16.18 -0.95
C GLU C 200 -7.01 15.21 -1.54
N GLY C 201 -7.52 14.34 -0.69
CA GLY C 201 -8.63 13.43 -1.03
C GLY C 201 -8.29 12.11 -1.70
N LYS C 202 -7.06 11.63 -1.58
CA LYS C 202 -6.75 10.29 -2.09
C LYS C 202 -7.50 9.29 -1.21
N ILE C 203 -7.69 8.08 -1.74
CA ILE C 203 -8.31 6.98 -0.98
C ILE C 203 -7.21 6.22 -0.21
N PRO C 204 -7.37 6.01 1.10
CA PRO C 204 -6.37 5.24 1.85
C PRO C 204 -6.38 3.78 1.44
N TYR C 205 -5.19 3.17 1.37
CA TYR C 205 -5.07 1.78 1.07
C TYR C 205 -5.85 1.48 -0.24
N GLU C 206 -5.63 2.30 -1.26
CA GLU C 206 -6.35 2.13 -2.54
C GLU C 206 -6.12 0.74 -3.15
N ASN C 207 -7.20 0.14 -3.62
CA ASN C 207 -7.20 -1.20 -4.21
C ASN C 207 -6.77 -2.32 -3.25
N ARG C 208 -6.87 -2.10 -1.94
CA ARG C 208 -6.58 -3.18 -0.98
C ARG C 208 -7.91 -3.76 -0.49
N SER C 209 -8.03 -5.07 -0.47
CA SER C 209 -9.17 -5.75 0.13
C SER C 209 -9.09 -5.61 1.65
N ASN C 210 -10.21 -5.85 2.34
CA ASN C 210 -10.25 -5.77 3.79
C ASN C 210 -9.20 -6.69 4.45
N SER C 211 -9.00 -7.88 3.90
CA SER C 211 -8.04 -8.81 4.47
C SER C 211 -6.60 -8.31 4.21
N GLU C 212 -6.36 -7.65 3.10
CA GLU C 212 -5.04 -7.09 2.85
C GLU C 212 -4.71 -5.92 3.80
N VAL C 213 -5.71 -5.12 4.15
CA VAL C 213 -5.50 -3.99 5.06
C VAL C 213 -5.18 -4.48 6.48
N VAL C 214 -5.92 -5.52 6.95
CA VAL C 214 -5.68 -6.10 8.26
C VAL C 214 -4.25 -6.64 8.32
N GLU C 215 -3.85 -7.41 7.31
CA GLU C 215 -2.50 -7.96 7.25
C GLU C 215 -1.43 -6.86 7.21
N ASP C 216 -1.62 -5.86 6.36
CA ASP C 216 -0.65 -4.75 6.23
C ASP C 216 -0.48 -3.98 7.56
N ILE C 217 -1.58 -3.52 8.15
CA ILE C 217 -1.52 -2.85 9.46
C ILE C 217 -0.88 -3.74 10.53
N SER C 218 -1.27 -5.00 10.57
CA SER C 218 -0.76 -5.95 11.57
C SER C 218 0.75 -6.19 11.41
N THR C 219 1.29 -6.02 10.20
CA THR C 219 2.72 -6.21 9.94
C THR C 219 3.53 -4.87 9.98
N GLY C 220 2.87 -3.76 10.32
CA GLY C 220 3.55 -2.51 10.49
C GLY C 220 3.37 -1.47 9.39
N PHE C 221 2.79 -1.86 8.25
CA PHE C 221 2.47 -0.87 7.21
C PHE C 221 1.73 0.31 7.80
N ARG C 222 2.11 1.53 7.38
CA ARG C 222 1.33 2.75 7.63
C ARG C 222 1.24 3.55 6.34
N LEU C 223 0.20 4.33 6.18
CA LEU C 223 0.00 5.20 5.01
C LEU C 223 1.23 6.09 4.78
N TYR C 224 1.64 6.23 3.54
CA TYR C 224 2.88 6.95 3.22
C TYR C 224 2.72 8.44 3.51
N LYS C 225 3.85 9.12 3.75
CA LYS C 225 3.86 10.57 3.99
C LYS C 225 3.39 11.31 2.70
N PRO C 226 2.27 12.04 2.77
CA PRO C 226 1.89 12.85 1.59
C PRO C 226 2.86 14.03 1.32
N ARG C 227 3.05 14.36 0.06
CA ARG C 227 3.92 15.47 -0.34
C ARG C 227 3.75 16.71 0.52
N LEU C 228 2.51 17.13 0.72
CA LEU C 228 2.24 18.41 1.40
C LEU C 228 2.33 18.35 2.92
N ALA C 229 2.50 17.15 3.46
CA ALA C 229 2.69 16.96 4.89
C ALA C 229 4.20 17.04 5.27
N SER C 230 4.57 17.99 6.10
CA SER C 230 5.96 18.00 6.56
C SER C 230 6.21 16.79 7.45
N THR C 231 7.48 16.47 7.72
CA THR C 231 7.79 15.42 8.69
C THR C 231 7.16 15.74 10.06
N HIS C 232 6.98 17.00 10.41
CA HIS C 232 6.33 17.35 11.69
C HIS C 232 4.85 16.99 11.74
N VAL C 233 4.14 17.24 10.64
CA VAL C 233 2.77 16.90 10.54
C VAL C 233 2.63 15.37 10.51
N TYR C 234 3.53 14.72 9.80
CA TYR C 234 3.46 13.24 9.71
C TYR C 234 3.77 12.57 11.04
N GLN C 235 4.69 13.15 11.82
CA GLN C 235 4.93 12.67 13.17
C GLN C 235 3.61 12.56 13.96
N ILE C 236 2.74 13.58 13.88
CA ILE C 236 1.44 13.52 14.60
C ILE C 236 0.48 12.44 14.04
N MET C 237 0.34 12.37 12.72
CA MET C 237 -0.45 11.31 12.12
C MET C 237 0.03 9.97 12.67
N ASN C 238 1.33 9.78 12.65
CA ASN C 238 1.91 8.59 13.19
C ASN C 238 1.63 8.30 14.65
N HIS C 239 1.54 9.33 15.47
CA HIS C 239 1.14 9.13 16.87
C HIS C 239 -0.24 8.49 16.93
N CYS C 240 -1.13 8.91 16.02
CA CYS C 240 -2.50 8.42 15.96
C CYS C 240 -2.60 6.96 15.60
N TRP C 241 -1.58 6.43 14.93
CA TRP C 241 -1.58 5.05 14.48
C TRP C 241 -0.69 4.10 15.33
N LYS C 242 -0.49 4.42 16.61
CA LYS C 242 0.20 3.47 17.51
C LYS C 242 -0.70 2.25 17.65
N GLU C 243 -0.11 1.08 17.63
CA GLU C 243 -0.90 -0.16 17.68
C GLU C 243 -1.84 -0.23 18.90
N ARG C 244 -1.38 0.25 20.07
CA ARG C 244 -2.17 0.18 21.29
C ARG C 244 -2.84 1.50 21.59
N PRO C 245 -4.15 1.47 21.88
CA PRO C 245 -4.90 2.69 22.12
C PRO C 245 -4.31 3.58 23.20
N GLU C 246 -3.72 2.97 24.23
CA GLU C 246 -3.18 3.76 25.35
C GLU C 246 -1.93 4.59 24.97
N ASP C 247 -1.22 4.19 23.90
CA ASP C 247 -0.08 4.98 23.42
C ASP C 247 -0.49 6.10 22.47
N ARG C 248 -1.76 6.15 22.07
CA ARG C 248 -2.19 7.25 21.20
C ARG C 248 -2.52 8.46 22.10
N PRO C 249 -2.32 9.68 21.58
CA PRO C 249 -2.68 10.86 22.31
C PRO C 249 -4.19 11.06 22.31
N ALA C 250 -4.74 11.67 23.38
CA ALA C 250 -6.16 12.09 23.41
C ALA C 250 -6.34 13.24 22.44
N PHE C 251 -7.56 13.43 21.95
CA PHE C 251 -7.87 14.61 21.15
C PHE C 251 -7.46 15.92 21.82
N SER C 252 -7.58 16.01 23.14
CA SER C 252 -7.21 17.23 23.90
C SER C 252 -5.71 17.56 23.77
N ARG C 253 -4.87 16.54 23.73
CA ARG C 253 -3.43 16.73 23.54
C ARG C 253 -3.08 16.94 22.06
N LEU C 254 -3.64 16.15 21.18
CA LEU C 254 -3.45 16.35 19.73
C LEU C 254 -3.68 17.79 19.31
N LEU C 255 -4.77 18.35 19.82
CA LEU C 255 -5.11 19.70 19.46
C LEU C 255 -3.92 20.66 19.67
N ARG C 256 -3.21 20.48 20.78
CA ARG C 256 -2.10 21.37 21.08
C ARG C 256 -0.90 21.02 20.25
N GLN C 257 -0.72 19.75 19.95
CA GLN C 257 0.41 19.35 19.13
C GLN C 257 0.23 19.95 17.75
N LEU C 258 -0.99 19.86 17.23
CA LEU C 258 -1.26 20.47 15.95
C LEU C 258 -1.06 21.96 15.95
N ALA C 259 -1.57 22.63 16.95
CA ALA C 259 -1.42 24.08 17.06
C ALA C 259 0.01 24.61 17.05
N GLU C 260 0.93 23.87 17.69
CA GLU C 260 2.31 24.34 17.84
C GLU C 260 3.06 24.10 16.53
N ILE C 261 2.61 23.14 15.75
CA ILE C 261 3.10 22.96 14.40
C ILE C 261 2.79 24.18 13.55
N ALA C 262 1.58 24.70 13.70
CA ALA C 262 1.07 25.74 12.82
C ALA C 262 2.06 26.88 12.68
N GLU C 263 2.61 27.35 13.81
CA GLU C 263 3.63 28.41 13.82
C GLU C 263 5.04 27.89 13.50
N SER C 264 5.30 26.64 13.89
CA SER C 264 6.64 26.02 13.79
C SER C 264 7.09 25.56 12.40
N GLY C 265 6.63 24.37 11.98
CA GLY C 265 7.12 23.70 10.77
C GLY C 265 6.13 22.91 9.92
N LEU C 266 5.60 23.59 8.89
CA LEU C 266 4.73 23.00 7.86
C LEU C 266 5.50 22.75 6.55
N GLY D 1 46.17 -6.80 -8.22
CA GLY D 1 45.59 -7.94 -7.45
C GLY D 1 46.23 -9.26 -7.83
N SER D 2 46.33 -10.15 -6.86
N SER D 2 46.34 -10.16 -6.86
CA SER D 2 47.00 -11.42 -7.11
CA SER D 2 47.02 -11.43 -7.14
C SER D 2 46.09 -12.40 -7.88
C SER D 2 46.09 -12.40 -7.87
N VAL D 3 46.70 -13.24 -8.71
CA VAL D 3 45.99 -14.28 -9.46
C VAL D 3 46.08 -15.51 -8.58
N ILE D 4 44.97 -16.23 -8.48
CA ILE D 4 44.95 -17.41 -7.66
C ILE D 4 44.66 -18.60 -8.56
N ASP D 5 45.47 -19.65 -8.43
CA ASP D 5 45.25 -20.86 -9.18
C ASP D 5 44.15 -21.66 -8.46
N PRO D 6 43.21 -22.27 -9.21
CA PRO D 6 42.12 -23.03 -8.54
C PRO D 6 42.56 -24.15 -7.61
N SER D 7 43.70 -24.77 -7.87
CA SER D 7 44.23 -25.82 -7.01
C SER D 7 44.45 -25.29 -5.60
N GLU D 8 44.64 -23.98 -5.48
CA GLU D 8 44.86 -23.32 -4.18
C GLU D 8 43.58 -23.13 -3.37
N LEU D 9 42.41 -23.45 -3.95
CA LEU D 9 41.14 -23.25 -3.25
C LEU D 9 40.46 -24.51 -2.78
N THR D 10 39.92 -24.46 -1.58
CA THR D 10 39.15 -25.59 -1.09
C THR D 10 37.73 -25.10 -0.95
N PHE D 11 36.81 -25.71 -1.71
CA PHE D 11 35.36 -25.40 -1.64
C PHE D 11 34.72 -26.24 -0.54
N VAL D 12 34.29 -25.61 0.54
CA VAL D 12 33.77 -26.36 1.65
C VAL D 12 32.27 -26.55 1.56
N GLN D 13 31.55 -25.46 1.30
CA GLN D 13 30.11 -25.50 1.37
C GLN D 13 29.50 -24.35 0.60
N GLU D 14 28.52 -24.69 -0.22
CA GLU D 14 27.81 -23.69 -0.96
C GLU D 14 26.95 -22.90 0.00
N ILE D 15 26.98 -21.59 -0.09
CA ILE D 15 26.21 -20.77 0.83
C ILE D 15 25.22 -19.80 0.18
N GLY D 16 25.27 -19.69 -1.15
CA GLY D 16 24.39 -18.80 -1.89
C GLY D 16 24.42 -19.15 -3.37
N SER D 17 23.34 -18.82 -4.08
CA SER D 17 23.26 -19.00 -5.54
C SER D 17 22.36 -17.97 -6.21
N GLY D 18 22.56 -17.76 -7.51
CA GLY D 18 21.75 -16.81 -8.31
C GLY D 18 22.03 -16.86 -9.81
N GLN D 19 21.60 -15.83 -10.53
CA GLN D 19 21.89 -15.70 -11.97
C GLN D 19 23.37 -15.31 -12.13
N PHE D 20 23.81 -14.34 -11.31
CA PHE D 20 25.24 -13.95 -11.23
C PHE D 20 26.02 -15.24 -11.05
N GLY D 21 25.76 -15.91 -9.92
CA GLY D 21 26.31 -17.23 -9.67
C GLY D 21 26.50 -17.60 -8.20
N LEU D 22 27.07 -18.79 -8.02
CA LEU D 22 27.30 -19.39 -6.71
C LEU D 22 28.29 -18.66 -5.76
N VAL D 23 28.02 -18.75 -4.48
CA VAL D 23 28.96 -18.32 -3.44
C VAL D 23 29.24 -19.55 -2.55
N HIS D 24 30.52 -19.81 -2.32
CA HIS D 24 30.99 -20.88 -1.45
C HIS D 24 31.85 -20.37 -0.31
N LEU D 25 31.65 -20.96 0.87
CA LEU D 25 32.60 -20.90 1.95
C LEU D 25 33.73 -21.85 1.53
N GLY D 26 34.95 -21.33 1.54
CA GLY D 26 36.14 -22.09 1.23
C GLY D 26 37.38 -21.66 2.00
N TYR D 27 38.54 -22.20 1.61
CA TYR D 27 39.83 -21.74 2.14
C TYR D 27 40.80 -21.50 1.02
N TRP D 28 41.64 -20.47 1.16
CA TRP D 28 42.76 -20.24 0.26
C TRP D 28 44.05 -20.73 0.97
N LEU D 29 44.85 -21.53 0.26
CA LEU D 29 46.08 -22.16 0.74
C LEU D 29 45.92 -22.88 2.06
N ASN D 30 44.81 -23.60 2.21
CA ASN D 30 44.48 -24.30 3.47
C ASN D 30 44.71 -23.41 4.70
N LYS D 31 44.52 -22.11 4.54
CA LYS D 31 44.80 -21.18 5.60
C LYS D 31 43.71 -20.12 5.80
N ASP D 32 43.47 -19.28 4.80
CA ASP D 32 42.54 -18.20 4.97
C ASP D 32 41.11 -18.60 4.60
N LYS D 33 40.17 -18.23 5.45
CA LYS D 33 38.78 -18.44 5.21
C LYS D 33 38.31 -17.42 4.17
N VAL D 34 37.61 -17.90 3.14
CA VAL D 34 37.20 -17.06 2.04
C VAL D 34 35.78 -17.33 1.52
N ALA D 35 35.19 -16.29 0.91
CA ALA D 35 33.93 -16.44 0.17
C ALA D 35 34.29 -16.40 -1.30
N ILE D 36 34.05 -17.49 -1.99
CA ILE D 36 34.44 -17.61 -3.37
C ILE D 36 33.19 -17.49 -4.19
N LYS D 37 33.12 -16.45 -5.00
CA LYS D 37 31.98 -16.24 -5.83
C LYS D 37 32.32 -16.72 -7.18
N THR D 38 31.51 -17.63 -7.70
CA THR D 38 31.63 -18.14 -9.08
C THR D 38 30.60 -17.41 -9.93
N ILE D 39 30.96 -17.03 -11.15
CA ILE D 39 30.05 -16.24 -12.01
C ILE D 39 28.89 -17.07 -12.59
N SER D 45 28.56 -11.12 -18.10
CA SER D 45 29.69 -11.71 -18.81
C SER D 45 30.94 -11.65 -17.96
N GLU D 46 31.92 -12.46 -18.32
CA GLU D 46 33.15 -12.66 -17.53
C GLU D 46 34.07 -11.43 -17.35
N GLU D 47 34.26 -10.66 -18.43
CA GLU D 47 35.16 -9.48 -18.44
C GLU D 47 34.68 -8.43 -17.46
N ASP D 48 33.38 -8.17 -17.49
CA ASP D 48 32.76 -7.23 -16.57
C ASP D 48 33.02 -7.64 -15.14
N PHE D 49 32.91 -8.93 -14.89
CA PHE D 49 33.10 -9.46 -13.56
C PHE D 49 34.52 -9.19 -13.02
N ILE D 50 35.53 -9.48 -13.81
CA ILE D 50 36.90 -9.21 -13.41
C ILE D 50 37.18 -7.71 -13.26
N GLU D 51 36.63 -6.91 -14.18
CA GLU D 51 36.76 -5.45 -14.12
C GLU D 51 36.31 -4.85 -12.78
N GLU D 52 35.21 -5.38 -12.23
CA GLU D 52 34.72 -4.91 -10.95
C GLU D 52 35.74 -5.21 -9.88
N ALA D 53 36.31 -6.40 -9.97
CA ALA D 53 37.31 -6.88 -9.04
C ALA D 53 38.54 -5.99 -9.07
N GLU D 54 39.03 -5.64 -10.26
CA GLU D 54 40.19 -4.74 -10.37
C GLU D 54 39.92 -3.38 -9.72
N VAL D 55 38.74 -2.83 -9.97
CA VAL D 55 38.34 -1.57 -9.37
C VAL D 55 38.37 -1.68 -7.84
N MET D 56 37.70 -2.70 -7.30
CA MET D 56 37.60 -2.86 -5.85
C MET D 56 38.94 -3.06 -5.19
N MET D 57 39.86 -3.73 -5.89
CA MET D 57 41.17 -4.03 -5.31
C MET D 57 42.08 -2.79 -5.11
N LYS D 58 41.64 -1.65 -5.64
CA LYS D 58 42.34 -0.36 -5.46
C LYS D 58 41.51 0.69 -4.68
N LEU D 59 40.50 0.21 -3.93
CA LEU D 59 39.66 1.04 -3.07
C LEU D 59 39.77 0.47 -1.65
N SER D 60 40.60 1.09 -0.82
CA SER D 60 40.88 0.54 0.52
C SER D 60 40.30 1.42 1.60
N HIS D 61 39.21 0.94 2.17
CA HIS D 61 38.57 1.59 3.28
C HIS D 61 38.06 0.49 4.21
N PRO D 62 38.11 0.70 5.55
CA PRO D 62 37.61 -0.28 6.54
C PRO D 62 36.16 -0.74 6.38
N LYS D 63 35.34 0.05 5.68
CA LYS D 63 33.88 -0.28 5.53
C LYS D 63 33.53 -0.67 4.10
N LEU D 64 34.55 -1.06 3.34
CA LEU D 64 34.40 -1.63 2.00
C LEU D 64 35.07 -3.00 1.98
N VAL D 65 34.37 -3.99 1.48
CA VAL D 65 34.88 -5.38 1.48
C VAL D 65 36.15 -5.53 0.59
N GLN D 66 36.99 -6.50 0.93
CA GLN D 66 38.27 -6.71 0.31
C GLN D 66 38.35 -8.08 -0.36
N LEU D 67 39.21 -8.19 -1.38
CA LEU D 67 39.46 -9.43 -2.07
C LEU D 67 40.86 -9.91 -1.85
N TYR D 68 41.01 -11.22 -1.83
CA TYR D 68 42.33 -11.87 -1.92
C TYR D 68 42.86 -11.93 -3.34
N GLY D 69 41.95 -12.05 -4.31
CA GLY D 69 42.35 -12.20 -5.69
C GLY D 69 41.31 -12.84 -6.61
N VAL D 70 41.76 -13.22 -7.79
CA VAL D 70 40.87 -13.72 -8.82
C VAL D 70 41.39 -15.01 -9.43
N CYS D 71 40.45 -15.85 -9.78
CA CYS D 71 40.76 -17.14 -10.36
C CYS D 71 40.42 -17.11 -11.85
N LEU D 72 41.46 -17.18 -12.69
CA LEU D 72 41.32 -17.12 -14.15
C LEU D 72 41.58 -18.48 -14.78
N GLU D 73 41.63 -18.49 -16.11
CA GLU D 73 41.84 -19.72 -16.86
C GLU D 73 40.52 -20.44 -16.86
N GLN D 74 40.32 -21.30 -15.86
CA GLN D 74 39.13 -22.13 -15.76
C GLN D 74 37.83 -21.32 -15.81
N ALA D 75 36.98 -21.66 -16.79
CA ALA D 75 35.66 -21.07 -16.95
C ALA D 75 34.61 -21.99 -16.31
N PRO D 76 33.75 -21.46 -15.42
CA PRO D 76 33.59 -20.07 -15.01
C PRO D 76 34.65 -19.61 -14.03
N ILE D 77 35.21 -18.43 -14.30
CA ILE D 77 36.13 -17.76 -13.38
C ILE D 77 35.49 -17.51 -12.00
N CYS D 78 36.32 -17.18 -11.02
CA CYS D 78 35.80 -16.84 -9.71
C CYS D 78 36.55 -15.69 -9.07
N LEU D 79 35.88 -15.07 -8.11
CA LEU D 79 36.46 -14.01 -7.30
C LEU D 79 36.61 -14.54 -5.89
N VAL D 80 37.73 -14.22 -5.25
CA VAL D 80 38.03 -14.70 -3.91
C VAL D 80 38.05 -13.54 -2.92
N PHE D 81 37.00 -13.45 -2.11
CA PHE D 81 36.84 -12.38 -1.11
C PHE D 81 37.17 -12.86 0.30
N GLU D 82 37.48 -11.92 1.19
CA GLU D 82 37.48 -12.19 2.62
C GLU D 82 36.09 -12.72 2.99
N PHE D 83 36.04 -13.62 3.96
CA PHE D 83 34.81 -14.17 4.44
C PHE D 83 34.20 -13.30 5.50
N MET D 84 32.99 -12.80 5.27
CA MET D 84 32.29 -11.97 6.24
C MET D 84 31.38 -12.94 7.01
N GLU D 85 31.66 -13.12 8.30
CA GLU D 85 31.06 -14.19 9.14
C GLU D 85 29.52 -14.24 9.17
N HIS D 86 28.86 -13.09 9.16
CA HIS D 86 27.42 -13.04 9.32
C HIS D 86 26.60 -12.79 8.04
N GLY D 87 27.25 -12.80 6.88
CA GLY D 87 26.52 -12.76 5.59
C GLY D 87 25.97 -11.42 5.21
N CYS D 88 24.94 -11.42 4.36
N CYS D 88 24.97 -11.40 4.33
CA CYS D 88 24.33 -10.18 3.89
CA CYS D 88 24.45 -10.12 3.88
C CYS D 88 23.53 -9.45 4.98
C CYS D 88 23.56 -9.44 4.95
N LEU D 89 23.62 -8.12 4.98
CA LEU D 89 22.90 -7.35 5.93
C LEU D 89 21.36 -7.57 5.88
N SER D 90 20.78 -7.68 4.68
CA SER D 90 19.33 -7.91 4.59
C SER D 90 18.96 -9.23 5.32
N ASP D 91 19.67 -10.30 5.03
CA ASP D 91 19.45 -11.56 5.74
C ASP D 91 19.66 -11.43 7.25
N TYR D 92 20.74 -10.78 7.63
CA TYR D 92 21.10 -10.66 9.06
C TYR D 92 19.99 -9.94 9.81
N LEU D 93 19.52 -8.86 9.21
CA LEU D 93 18.42 -8.14 9.80
C LEU D 93 17.16 -8.99 9.97
N ARG D 94 16.81 -9.76 8.93
CA ARG D 94 15.55 -10.51 8.90
C ARG D 94 15.55 -11.62 9.90
N THR D 95 16.63 -12.38 9.96
CA THR D 95 16.75 -13.48 10.90
C THR D 95 16.98 -13.02 12.34
N GLN D 96 17.54 -11.84 12.57
CA GLN D 96 17.75 -11.31 13.93
C GLN D 96 16.65 -10.33 14.38
N ARG D 97 15.57 -10.23 13.62
CA ARG D 97 14.51 -9.28 13.95
C ARG D 97 14.10 -9.40 15.44
N GLY D 98 13.87 -8.25 16.08
CA GLY D 98 13.51 -8.19 17.50
C GLY D 98 14.69 -8.06 18.45
N LEU D 99 15.91 -8.33 17.99
CA LEU D 99 17.07 -8.31 18.86
C LEU D 99 17.93 -7.05 18.75
N PHE D 100 17.53 -6.07 17.92
CA PHE D 100 18.37 -4.87 17.76
C PHE D 100 17.87 -3.66 18.53
N ALA D 101 18.84 -2.98 19.16
CA ALA D 101 18.61 -1.67 19.75
C ALA D 101 18.75 -0.62 18.63
N ALA D 102 18.01 0.47 18.76
CA ALA D 102 18.06 1.56 17.79
C ALA D 102 19.50 2.03 17.51
N GLU D 103 20.30 2.17 18.55
CA GLU D 103 21.68 2.63 18.42
C GLU D 103 22.52 1.71 17.56
N THR D 104 22.23 0.41 17.63
CA THR D 104 22.93 -0.57 16.84
C THR D 104 22.57 -0.38 15.38
N LEU D 105 21.28 -0.15 15.12
CA LEU D 105 20.83 0.06 13.75
C LEU D 105 21.46 1.37 13.21
N LEU D 106 21.55 2.40 14.05
CA LEU D 106 22.16 3.65 13.59
C LEU D 106 23.65 3.38 13.26
N GLY D 107 24.33 2.59 14.07
CA GLY D 107 25.73 2.24 13.83
C GLY D 107 25.97 1.60 12.47
N MET D 108 25.04 0.72 12.07
CA MET D 108 25.13 0.06 10.76
C MET D 108 24.99 1.09 9.64
N CYS D 109 24.04 2.01 9.75
CA CYS D 109 23.94 3.10 8.76
C CYS D 109 25.23 3.96 8.71
N LEU D 110 25.81 4.24 9.86
CA LEU D 110 27.08 4.98 9.94
C LEU D 110 28.21 4.23 9.21
N ASP D 111 28.31 2.94 9.42
CA ASP D 111 29.30 2.12 8.71
C ASP D 111 29.17 2.26 7.19
N VAL D 112 27.94 2.11 6.71
CA VAL D 112 27.70 2.17 5.27
C VAL D 112 28.03 3.57 4.74
N CYS D 113 27.61 4.59 5.50
CA CYS D 113 27.83 5.97 5.11
C CYS D 113 29.33 6.28 5.05
N GLU D 114 30.12 5.77 6.00
CA GLU D 114 31.56 6.00 5.97
C GLU D 114 32.08 5.44 4.66
N GLY D 115 31.68 4.22 4.33
CA GLY D 115 32.10 3.62 3.09
C GLY D 115 31.69 4.42 1.86
N MET D 116 30.43 4.79 1.78
CA MET D 116 29.95 5.57 0.63
C MET D 116 30.62 6.95 0.55
N ALA D 117 31.03 7.54 1.67
CA ALA D 117 31.65 8.86 1.59
C ALA D 117 33.05 8.77 0.97
N TYR D 118 33.73 7.66 1.24
CA TYR D 118 35.01 7.38 0.64
C TYR D 118 34.84 7.21 -0.90
N LEU D 119 33.86 6.41 -1.30
CA LEU D 119 33.54 6.22 -2.72
C LEU D 119 33.12 7.51 -3.40
N GLU D 120 32.29 8.29 -2.72
CA GLU D 120 31.92 9.60 -3.22
C GLU D 120 33.18 10.45 -3.51
N GLU D 121 34.10 10.51 -2.56
CA GLU D 121 35.34 11.31 -2.74
C GLU D 121 36.16 10.76 -3.92
N ALA D 122 36.14 9.44 -4.13
CA ALA D 122 36.84 8.80 -5.26
C ALA D 122 36.08 8.91 -6.58
N CYS D 123 34.92 9.55 -6.60
CA CYS D 123 34.11 9.66 -7.79
C CYS D 123 33.72 8.28 -8.32
N VAL D 124 33.42 7.35 -7.39
CA VAL D 124 32.94 6.04 -7.75
C VAL D 124 31.45 5.99 -7.42
N ILE D 125 30.64 5.62 -8.41
CA ILE D 125 29.21 5.54 -8.26
C ILE D 125 28.78 4.07 -8.10
N HIS D 126 28.04 3.77 -7.05
CA HIS D 126 27.68 2.39 -6.77
C HIS D 126 26.63 1.86 -7.77
N ARG D 127 25.48 2.53 -7.86
CA ARG D 127 24.39 2.19 -8.79
C ARG D 127 23.46 1.09 -8.29
N ASP D 128 23.85 0.34 -7.26
CA ASP D 128 22.99 -0.72 -6.72
C ASP D 128 23.13 -0.82 -5.18
N LEU D 129 23.09 0.32 -4.52
CA LEU D 129 23.29 0.28 -3.08
C LEU D 129 21.95 -0.15 -2.45
N ALA D 130 21.99 -1.29 -1.74
CA ALA D 130 20.87 -1.83 -0.99
C ALA D 130 21.42 -2.76 0.11
N ALA D 131 20.59 -3.05 1.11
CA ALA D 131 21.04 -3.90 2.22
C ALA D 131 21.57 -5.24 1.77
N ARG D 132 21.05 -5.77 0.67
CA ARG D 132 21.48 -7.06 0.17
C ARG D 132 22.88 -7.01 -0.38
N ASN D 133 23.39 -5.81 -0.63
CA ASN D 133 24.74 -5.64 -1.15
C ASN D 133 25.71 -5.17 -0.08
N CYS D 134 25.31 -5.25 1.19
CA CYS D 134 26.20 -4.99 2.30
C CYS D 134 26.42 -6.30 3.05
N LEU D 135 27.56 -6.40 3.75
CA LEU D 135 27.94 -7.61 4.47
C LEU D 135 28.20 -7.27 5.94
N VAL D 136 28.01 -8.28 6.79
CA VAL D 136 28.12 -8.13 8.23
C VAL D 136 29.27 -9.00 8.74
N GLY D 137 30.26 -8.38 9.40
CA GLY D 137 31.42 -9.13 9.91
C GLY D 137 31.26 -9.35 11.40
N GLU D 138 32.35 -9.69 12.08
CA GLU D 138 32.33 -9.91 13.55
C GLU D 138 32.05 -8.57 14.26
N ASN D 139 31.34 -8.68 15.37
CA ASN D 139 30.86 -7.50 16.08
C ASN D 139 30.11 -6.55 15.20
N GLN D 140 29.44 -7.13 14.20
CA GLN D 140 28.46 -6.43 13.42
C GLN D 140 28.97 -5.26 12.63
N VAL D 141 30.25 -5.22 12.33
CA VAL D 141 30.80 -4.23 11.42
C VAL D 141 30.13 -4.44 10.05
N ILE D 142 29.66 -3.37 9.44
CA ILE D 142 29.05 -3.49 8.13
C ILE D 142 30.03 -3.02 7.06
N LYS D 143 30.19 -3.80 5.98
CA LYS D 143 31.00 -3.34 4.83
C LYS D 143 30.15 -3.32 3.56
N VAL D 144 30.40 -2.33 2.71
CA VAL D 144 29.73 -2.19 1.45
C VAL D 144 30.38 -3.13 0.48
N SER D 145 29.54 -3.87 -0.25
CA SER D 145 30.01 -4.80 -1.25
C SER D 145 29.54 -4.40 -2.65
N ASP D 146 29.97 -5.16 -3.67
CA ASP D 146 29.62 -4.92 -5.11
C ASP D 146 29.65 -3.47 -5.57
N PHE D 147 30.75 -2.79 -5.24
CA PHE D 147 30.86 -1.36 -5.52
C PHE D 147 31.74 -1.06 -6.71
N GLY D 148 32.05 -2.07 -7.52
CA GLY D 148 32.91 -1.86 -8.70
C GLY D 148 32.23 -1.86 -10.06
N MET D 149 30.90 -1.87 -10.12
CA MET D 149 30.15 -2.06 -11.39
C MET D 149 30.43 -1.03 -12.50
N PRO D 167 15.69 -2.65 -10.57
CA PRO D 167 15.26 -2.65 -9.19
C PRO D 167 14.84 -1.22 -8.81
N VAL D 168 13.68 -0.82 -9.35
CA VAL D 168 13.15 0.56 -9.22
C VAL D 168 12.99 1.04 -7.75
N LYS D 169 12.83 0.11 -6.81
CA LYS D 169 12.60 0.45 -5.40
C LYS D 169 13.75 1.25 -4.71
N TRP D 170 14.95 1.21 -5.29
CA TRP D 170 16.11 1.91 -4.72
C TRP D 170 16.54 3.05 -5.63
N ALA D 171 15.73 3.34 -6.66
CA ALA D 171 16.13 4.29 -7.70
C ALA D 171 15.55 5.63 -7.53
N SER D 172 16.37 6.68 -7.69
CA SER D 172 15.90 8.06 -7.70
C SER D 172 15.08 8.36 -8.97
N PRO D 173 14.29 9.45 -8.97
CA PRO D 173 13.55 9.79 -10.17
C PRO D 173 14.42 9.96 -11.41
N GLU D 174 15.54 10.67 -11.31
CA GLU D 174 16.40 10.87 -12.47
C GLU D 174 16.97 9.54 -12.97
N VAL D 175 17.11 8.55 -12.08
CA VAL D 175 17.54 7.21 -12.49
C VAL D 175 16.40 6.45 -13.15
N PHE D 176 15.21 6.40 -12.55
CA PHE D 176 14.12 5.65 -13.19
C PHE D 176 13.57 6.28 -14.48
N SER D 177 13.66 7.60 -14.61
CA SER D 177 13.21 8.27 -15.85
C SER D 177 14.31 8.38 -16.94
N PHE D 178 15.52 8.78 -16.56
CA PHE D 178 16.59 9.03 -17.53
C PHE D 178 17.90 8.24 -17.31
N SER D 179 17.97 7.34 -16.34
CA SER D 179 19.23 6.63 -16.04
C SER D 179 20.40 7.62 -15.80
N ARG D 180 20.13 8.62 -14.98
CA ARG D 180 21.13 9.61 -14.64
C ARG D 180 21.70 9.29 -13.23
N TYR D 181 22.75 8.46 -13.27
CA TYR D 181 23.47 8.04 -12.08
C TYR D 181 24.46 9.08 -11.56
N SER D 182 24.57 9.18 -10.24
CA SER D 182 25.51 10.11 -9.63
C SER D 182 25.61 9.73 -8.16
N SER D 183 26.50 10.40 -7.43
CA SER D 183 26.60 10.18 -6.01
C SER D 183 25.29 10.59 -5.33
N LYS D 184 24.59 11.58 -5.89
CA LYS D 184 23.28 11.96 -5.35
C LYS D 184 22.19 10.86 -5.55
N SER D 185 22.26 10.12 -6.66
CA SER D 185 21.39 8.97 -6.88
C SER D 185 21.74 7.85 -5.87
N ASP D 186 23.04 7.58 -5.66
CA ASP D 186 23.44 6.69 -4.55
C ASP D 186 22.87 7.19 -3.22
N VAL D 187 22.82 8.49 -2.99
CA VAL D 187 22.28 9.01 -1.73
C VAL D 187 20.82 8.60 -1.55
N TRP D 188 20.03 8.69 -2.63
CA TRP D 188 18.65 8.25 -2.59
C TRP D 188 18.61 6.76 -2.16
N SER D 189 19.39 5.93 -2.86
CA SER D 189 19.46 4.51 -2.55
C SER D 189 19.80 4.29 -1.08
N PHE D 190 20.71 5.12 -0.55
CA PHE D 190 21.09 5.06 0.86
C PHE D 190 19.92 5.34 1.81
N GLY D 191 19.05 6.26 1.44
CA GLY D 191 17.85 6.50 2.25
C GLY D 191 16.96 5.25 2.36
N VAL D 192 16.78 4.53 1.25
CA VAL D 192 15.97 3.33 1.24
C VAL D 192 16.68 2.27 2.09
N LEU D 193 18.01 2.16 1.96
CA LEU D 193 18.81 1.23 2.79
C LEU D 193 18.63 1.54 4.27
N MET D 194 18.69 2.81 4.66
CA MET D 194 18.40 3.19 6.04
C MET D 194 17.00 2.64 6.44
N TRP D 195 16.03 2.73 5.51
CA TRP D 195 14.68 2.27 5.77
C TRP D 195 14.69 0.75 6.00
N GLU D 196 15.46 0.05 5.19
CA GLU D 196 15.65 -1.39 5.32
C GLU D 196 16.26 -1.73 6.66
N VAL D 197 17.23 -0.95 7.06
CA VAL D 197 17.87 -1.21 8.33
C VAL D 197 16.97 -0.97 9.54
N PHE D 198 16.30 0.17 9.60
CA PHE D 198 15.48 0.50 10.76
C PHE D 198 14.21 -0.31 10.86
N SER D 199 13.72 -0.81 9.73
CA SER D 199 12.59 -1.72 9.67
C SER D 199 13.03 -3.16 9.86
N GLU D 200 14.33 -3.39 10.08
CA GLU D 200 14.90 -4.71 10.29
C GLU D 200 14.67 -5.67 9.11
N GLY D 201 14.89 -5.20 7.89
CA GLY D 201 14.86 -6.06 6.70
C GLY D 201 13.55 -6.18 5.96
N LYS D 202 12.60 -5.30 6.22
CA LYS D 202 11.38 -5.33 5.46
C LYS D 202 11.74 -4.94 4.04
N ILE D 203 10.87 -5.32 3.12
CA ILE D 203 11.04 -5.04 1.72
C ILE D 203 10.34 -3.70 1.44
N PRO D 204 11.08 -2.73 0.92
CA PRO D 204 10.41 -1.44 0.65
C PRO D 204 9.35 -1.56 -0.41
N TYR D 205 8.27 -0.81 -0.24
CA TYR D 205 7.15 -0.84 -1.18
C TYR D 205 6.64 -2.27 -1.41
N GLU D 206 6.60 -3.08 -0.38
CA GLU D 206 6.26 -4.51 -0.58
C GLU D 206 4.92 -4.66 -1.22
N ASN D 207 4.83 -5.63 -2.12
CA ASN D 207 3.62 -5.89 -2.91
C ASN D 207 3.13 -4.68 -3.73
N ARG D 208 4.02 -3.74 -4.06
CA ARG D 208 3.65 -2.69 -4.99
C ARG D 208 4.50 -2.93 -6.24
N SER D 209 3.88 -2.78 -7.41
CA SER D 209 4.56 -3.00 -8.71
C SER D 209 5.48 -1.86 -9.03
N ASN D 210 6.37 -2.05 -10.00
CA ASN D 210 7.27 -0.97 -10.41
C ASN D 210 6.52 0.29 -10.86
N SER D 211 5.42 0.13 -11.57
CA SER D 211 4.64 1.28 -12.01
C SER D 211 3.88 1.94 -10.85
N GLU D 212 3.48 1.18 -9.84
CA GLU D 212 2.88 1.83 -8.65
C GLU D 212 3.94 2.63 -7.87
N VAL D 213 5.15 2.11 -7.76
CA VAL D 213 6.19 2.82 -7.02
C VAL D 213 6.56 4.17 -7.71
N VAL D 214 6.74 4.12 -9.04
CA VAL D 214 7.01 5.29 -9.87
C VAL D 214 5.87 6.29 -9.71
N GLU D 215 4.63 5.83 -9.72
CA GLU D 215 3.43 6.70 -9.50
C GLU D 215 3.49 7.37 -8.10
N ASP D 216 3.75 6.59 -7.06
CA ASP D 216 3.82 7.12 -5.70
C ASP D 216 4.97 8.12 -5.55
N ILE D 217 6.14 7.80 -6.07
CA ILE D 217 7.25 8.74 -5.96
C ILE D 217 7.01 10.04 -6.73
N SER D 218 6.45 9.93 -7.93
CA SER D 218 6.19 11.06 -8.81
C SER D 218 5.05 11.93 -8.28
N THR D 219 4.13 11.36 -7.52
CA THR D 219 3.10 12.17 -6.87
C THR D 219 3.62 12.75 -5.51
N GLY D 220 4.85 12.45 -5.14
CA GLY D 220 5.46 13.03 -3.92
C GLY D 220 5.32 12.27 -2.61
N PHE D 221 4.72 11.08 -2.66
CA PHE D 221 4.60 10.23 -1.48
C PHE D 221 5.97 9.65 -1.15
N ARG D 222 6.21 9.40 0.14
CA ARG D 222 7.47 8.78 0.61
C ARG D 222 7.20 7.67 1.66
N LEU D 223 8.06 6.67 1.73
CA LEU D 223 7.93 5.54 2.63
C LEU D 223 7.59 5.99 4.05
N TYR D 224 6.73 5.22 4.72
CA TYR D 224 6.32 5.47 6.10
C TYR D 224 7.54 5.26 7.02
N LYS D 225 7.45 5.78 8.23
CA LYS D 225 8.56 5.74 9.21
C LYS D 225 8.58 4.41 9.97
N PRO D 226 9.68 3.66 9.88
CA PRO D 226 9.75 2.43 10.71
C PRO D 226 9.66 2.80 12.20
N ARG D 227 8.98 2.00 13.01
CA ARG D 227 8.78 2.34 14.42
C ARG D 227 10.09 2.51 15.16
N LEU D 228 11.15 1.79 14.79
CA LEU D 228 12.41 1.95 15.55
C LEU D 228 13.22 3.20 15.13
N ALA D 229 12.78 3.86 14.06
CA ALA D 229 13.40 5.11 13.60
C ALA D 229 12.76 6.32 14.26
N SER D 230 13.58 7.12 14.96
CA SER D 230 13.09 8.39 15.53
C SER D 230 12.71 9.38 14.40
N THR D 231 12.06 10.45 14.80
CA THR D 231 11.71 11.51 13.87
C THR D 231 12.97 12.06 13.25
N HIS D 232 14.03 12.23 14.04
CA HIS D 232 15.29 12.74 13.49
C HIS D 232 15.86 11.83 12.41
N VAL D 233 15.92 10.53 12.68
CA VAL D 233 16.37 9.58 11.67
C VAL D 233 15.46 9.68 10.42
N TYR D 234 14.16 9.82 10.61
CA TYR D 234 13.22 9.86 9.48
C TYR D 234 13.37 11.13 8.68
N GLN D 235 13.72 12.22 9.35
CA GLN D 235 14.04 13.47 8.64
C GLN D 235 15.20 13.29 7.67
N ILE D 236 16.23 12.57 8.11
CA ILE D 236 17.39 12.31 7.28
C ILE D 236 17.05 11.40 6.12
N MET D 237 16.23 10.36 6.36
CA MET D 237 15.78 9.56 5.24
C MET D 237 15.11 10.47 4.19
N ASN D 238 14.22 11.34 4.64
CA ASN D 238 13.54 12.24 3.71
C ASN D 238 14.47 13.22 2.94
N HIS D 239 15.55 13.69 3.60
CA HIS D 239 16.54 14.52 2.96
C HIS D 239 17.16 13.72 1.79
N CYS D 240 17.37 12.42 2.01
CA CYS D 240 17.92 11.57 0.98
C CYS D 240 16.97 11.37 -0.18
N TRP D 241 15.66 11.56 0.06
CA TRP D 241 14.64 11.35 -1.01
C TRP D 241 14.06 12.64 -1.64
N LYS D 242 14.81 13.73 -1.57
CA LYS D 242 14.37 14.94 -2.22
C LYS D 242 14.33 14.65 -3.72
N GLU D 243 13.34 15.19 -4.39
CA GLU D 243 13.14 14.91 -5.80
C GLU D 243 14.34 15.32 -6.66
N ARG D 244 14.93 16.48 -6.33
CA ARG D 244 16.08 17.00 -7.07
C ARG D 244 17.40 16.61 -6.39
N PRO D 245 18.31 16.00 -7.16
CA PRO D 245 19.57 15.55 -6.59
C PRO D 245 20.33 16.66 -5.86
N GLU D 246 20.37 17.85 -6.44
CA GLU D 246 21.06 18.97 -5.82
C GLU D 246 20.50 19.27 -4.43
N ASP D 247 19.26 18.90 -4.15
CA ASP D 247 18.69 19.13 -2.83
C ASP D 247 19.05 18.04 -1.81
N ARG D 248 19.64 16.94 -2.26
CA ARG D 248 20.04 15.88 -1.33
C ARG D 248 21.40 16.20 -0.78
N PRO D 249 21.66 15.81 0.49
CA PRO D 249 22.98 16.05 1.05
C PRO D 249 24.01 15.06 0.49
N ALA D 250 25.29 15.46 0.50
CA ALA D 250 26.41 14.58 0.15
C ALA D 250 26.66 13.55 1.27
N PHE D 251 27.21 12.38 0.92
CA PHE D 251 27.57 11.38 1.97
C PHE D 251 28.47 12.01 3.03
N SER D 252 29.39 12.89 2.61
CA SER D 252 30.26 13.57 3.56
C SER D 252 29.46 14.35 4.60
N ARG D 253 28.38 15.00 4.16
CA ARG D 253 27.53 15.73 5.09
C ARG D 253 26.63 14.75 5.88
N LEU D 254 26.04 13.78 5.19
CA LEU D 254 25.22 12.76 5.84
C LEU D 254 25.93 12.14 7.04
N LEU D 255 27.21 11.83 6.84
CA LEU D 255 27.97 11.14 7.84
C LEU D 255 27.91 11.89 9.16
N ARG D 256 28.07 13.19 9.10
CA ARG D 256 28.12 14.01 10.30
C ARG D 256 26.71 14.20 10.90
N GLN D 257 25.72 14.34 10.03
CA GLN D 257 24.32 14.40 10.44
C GLN D 257 23.98 13.15 11.23
N LEU D 258 24.32 11.96 10.70
CA LEU D 258 24.01 10.71 11.41
C LEU D 258 24.74 10.65 12.74
N ALA D 259 26.02 10.99 12.73
CA ALA D 259 26.86 10.99 13.95
C ALA D 259 26.30 11.87 15.06
N GLU D 260 25.74 13.02 14.67
CA GLU D 260 25.20 13.98 15.63
C GLU D 260 23.96 13.43 16.33
N ILE D 261 23.13 12.71 15.57
CA ILE D 261 21.95 12.04 16.12
C ILE D 261 22.29 10.95 17.14
N ALA D 262 23.38 10.21 16.88
CA ALA D 262 23.90 9.23 17.83
C ALA D 262 24.19 9.83 19.21
N GLU D 263 24.44 11.14 19.28
CA GLU D 263 24.57 11.84 20.57
C GLU D 263 23.21 12.03 21.28
N SER D 264 22.16 12.36 20.52
CA SER D 264 20.81 12.59 21.09
C SER D 264 19.81 11.47 20.76
#